data_3KOH
#
_entry.id   3KOH
#
_cell.length_a   71.185
_cell.length_b   71.185
_cell.length_c   224.862
_cell.angle_alpha   90.00
_cell.angle_beta   90.00
_cell.angle_gamma   90.00
#
_symmetry.space_group_name_H-M   'P 43'
#
loop_
_entity.id
_entity.type
_entity.pdbx_description
1 polymer 'Cytochrome P450 2E1'
2 non-polymer 'PROTOPORPHYRIN IX CONTAINING FE'
3 non-polymer '8-(1H-imidazol-1-yl)octanoic acid'
4 water water
#
_entity_poly.entity_id   1
_entity_poly.type   'polypeptide(L)'
_entity_poly.pdbx_seq_one_letter_code
;MAKKTSSKGKLPPGPFPLPIIGNLFQLELKNIPKSFTRLAQRFGPVFTLYVGSQRMVVMHGYKAVKEALLDYKDEFSGRG
DLPAFHAHRDRGIIFNNGPTWKDIRRFSLTTLRNYGMGKQGNESRIQREAHFLLEALRKTQGQPFDPTFLIGCAPCNVIA
DILFRKHFDYNDEKFLRLMYLFNENFHLLSTPWLQLYNNFPSFLHYLPGSHRKVIKNVAEVKEYVSERVKEHHQSLDPNC
PRDLTDCLLVEMEKEKHSAERLYTMDGITVTVADLFFAGTETTSTTLRYGLLILMKYPEIEEKLHEEIDRVIGPSRIPAI
KDRQEMPYMDAVVHEIQRFITLVPSNLPHEATRDTIFRGYLIPKGTVVVPTLDSVLYDNQEFPDPEKFKPEHFLNENGKF
KYSDYFKPFSTGKRVCAGEGLARMELFLLLCAILQHFNLKPLVDPKDIDLSPIHIGFGCIPPRYKLCVIPRSHHHH
;
_entity_poly.pdbx_strand_id   A,B
#
# COMPACT_ATOMS: atom_id res chain seq x y z
N LYS A 10 40.59 31.08 17.08
CA LYS A 10 41.19 31.45 15.82
C LYS A 10 40.28 31.10 14.66
N LEU A 11 39.80 32.11 13.95
CA LEU A 11 38.90 31.92 12.84
C LEU A 11 39.57 31.34 11.66
N PRO A 12 38.79 30.80 10.75
CA PRO A 12 39.31 30.15 9.57
C PRO A 12 39.98 31.19 8.78
N PRO A 13 40.88 30.81 7.90
CA PRO A 13 41.62 31.79 7.12
C PRO A 13 40.75 32.51 6.17
N GLY A 14 41.10 33.74 5.88
CA GLY A 14 40.28 34.55 5.02
C GLY A 14 40.99 35.76 4.49
N PRO A 15 40.31 36.47 3.62
CA PRO A 15 40.80 37.69 3.02
C PRO A 15 40.55 38.81 3.97
N PHE A 16 41.29 39.90 3.85
CA PHE A 16 41.11 41.05 4.70
C PHE A 16 39.81 41.66 4.31
N PRO A 17 39.13 42.28 5.24
CA PRO A 17 37.81 42.82 5.00
C PRO A 17 37.74 44.31 5.16
N LEU A 18 37.10 44.99 4.25
CA LEU A 18 37.01 46.43 4.34
C LEU A 18 35.99 46.87 5.32
N PRO A 19 36.08 48.11 5.74
CA PRO A 19 35.11 48.60 6.68
C PRO A 19 33.78 48.79 6.02
N ILE A 20 32.74 48.39 6.69
CA ILE A 20 31.41 48.49 6.18
C ILE A 20 31.03 47.44 5.15
N ILE A 21 31.78 47.34 4.06
CA ILE A 21 31.50 46.38 3.04
C ILE A 21 32.21 45.09 3.18
N GLY A 22 33.14 44.99 4.08
CA GLY A 22 33.81 43.74 4.23
C GLY A 22 34.63 43.19 3.10
N ASN A 23 34.25 42.00 2.68
CA ASN A 23 34.94 41.25 1.66
C ASN A 23 34.30 41.21 0.32
N LEU A 24 33.41 42.14 0.05
CA LEU A 24 32.62 42.22 -1.14
C LEU A 24 33.37 42.41 -2.42
N PHE A 25 34.59 42.86 -2.34
CA PHE A 25 35.38 43.05 -3.52
C PHE A 25 35.92 41.71 -3.97
N GLN A 26 35.83 40.71 -3.12
CA GLN A 26 36.35 39.43 -3.48
C GLN A 26 35.28 38.53 -4.00
N LEU A 27 34.13 39.11 -4.28
CA LEU A 27 32.98 38.39 -4.77
C LEU A 27 32.39 38.91 -6.05
N GLU A 28 31.96 38.02 -6.92
CA GLU A 28 31.33 38.44 -8.13
C GLU A 28 29.89 38.06 -7.92
N LEU A 29 29.02 39.03 -7.82
CA LEU A 29 27.65 38.80 -7.53
C LEU A 29 27.00 37.96 -8.55
N LYS A 30 27.46 38.09 -9.78
CA LYS A 30 26.94 37.29 -10.86
C LYS A 30 27.27 35.85 -10.70
N ASN A 31 28.42 35.52 -10.14
CA ASN A 31 28.83 34.15 -9.92
C ASN A 31 29.40 33.98 -8.57
N ILE A 32 28.59 33.97 -7.55
CA ILE A 32 29.12 33.82 -6.23
C ILE A 32 29.82 32.53 -6.07
N PRO A 33 29.30 31.47 -6.64
CA PRO A 33 29.95 30.21 -6.50
C PRO A 33 31.29 30.23 -7.11
N LYS A 34 31.45 30.87 -8.24
CA LYS A 34 32.72 30.89 -8.90
C LYS A 34 33.69 31.52 -8.00
N SER A 35 33.21 32.51 -7.29
CA SER A 35 34.01 33.24 -6.35
C SER A 35 34.50 32.45 -5.17
N PHE A 36 33.67 31.59 -4.63
CA PHE A 36 34.06 30.78 -3.51
C PHE A 36 35.16 29.85 -3.93
N THR A 37 35.04 29.33 -5.10
CA THR A 37 35.98 28.43 -5.66
C THR A 37 37.33 29.05 -5.85
N ARG A 38 37.42 30.28 -6.31
CA ARG A 38 38.72 30.90 -6.43
C ARG A 38 39.31 31.16 -5.05
N LEU A 39 38.45 31.35 -4.08
CA LEU A 39 38.85 31.56 -2.70
C LEU A 39 39.35 30.31 -2.05
N ALA A 40 38.79 29.19 -2.43
CA ALA A 40 39.18 27.94 -1.87
C ALA A 40 40.61 27.70 -2.21
N GLN A 41 41.00 28.06 -3.41
CA GLN A 41 42.36 27.88 -3.82
C GLN A 41 43.31 28.70 -3.02
N ARG A 42 42.97 29.95 -2.84
CA ARG A 42 43.77 30.85 -2.10
C ARG A 42 43.89 30.44 -0.65
N PHE A 43 42.79 30.06 -0.02
CA PHE A 43 42.81 29.71 1.38
C PHE A 43 42.42 28.32 1.76
N GLY A 44 42.19 27.46 0.81
CA GLY A 44 41.81 26.12 1.18
C GLY A 44 40.36 25.89 1.36
N PRO A 45 40.02 24.73 1.86
CA PRO A 45 38.67 24.26 2.08
C PRO A 45 37.80 25.00 3.07
N VAL A 46 38.34 25.52 4.14
CA VAL A 46 37.53 26.25 5.08
C VAL A 46 38.07 27.62 5.11
N PHE A 47 37.23 28.63 4.86
CA PHE A 47 37.64 30.03 4.91
C PHE A 47 36.58 30.98 5.43
N THR A 48 37.01 32.10 5.99
CA THR A 48 36.12 33.07 6.58
C THR A 48 35.95 34.27 5.68
N LEU A 49 34.73 34.74 5.60
CA LEU A 49 34.40 35.84 4.77
C LEU A 49 33.49 36.79 5.49
N TYR A 50 33.65 38.08 5.28
CA TYR A 50 32.72 39.02 5.86
C TYR A 50 32.00 39.68 4.75
N VAL A 51 30.72 39.43 4.67
CA VAL A 51 29.97 40.01 3.60
C VAL A 51 29.04 40.99 4.26
N GLY A 52 29.31 42.25 4.03
CA GLY A 52 28.59 43.28 4.68
C GLY A 52 29.00 43.04 6.09
N SER A 53 28.09 43.25 7.00
CA SER A 53 28.38 43.03 8.38
C SER A 53 28.61 41.58 8.74
N GLN A 54 27.86 40.70 8.10
CA GLN A 54 27.85 39.29 8.45
C GLN A 54 29.08 38.49 8.25
N ARG A 55 29.27 37.51 9.12
CA ARG A 55 30.41 36.65 9.06
C ARG A 55 30.01 35.26 8.72
N MET A 56 30.64 34.72 7.69
CA MET A 56 30.35 33.41 7.21
C MET A 56 31.57 32.63 6.91
N VAL A 57 31.41 31.34 6.94
CA VAL A 57 32.47 30.42 6.72
C VAL A 57 32.00 29.60 5.58
N VAL A 58 32.87 29.34 4.65
CA VAL A 58 32.51 28.58 3.50
C VAL A 58 33.30 27.32 3.51
N MET A 59 32.66 26.20 3.21
CA MET A 59 33.35 24.93 3.14
C MET A 59 33.25 24.52 1.73
N HIS A 60 34.39 24.28 1.11
CA HIS A 60 34.43 23.92 -0.27
C HIS A 60 35.07 22.58 -0.40
N GLY A 61 34.47 21.69 -1.15
CA GLY A 61 35.07 20.39 -1.31
C GLY A 61 34.35 19.33 -0.57
N TYR A 62 34.47 18.12 -1.04
CA TYR A 62 33.75 17.04 -0.43
C TYR A 62 34.13 16.70 0.97
N LYS A 63 35.41 16.65 1.28
CA LYS A 63 35.78 16.30 2.62
C LYS A 63 35.31 17.30 3.60
N ALA A 64 35.59 18.56 3.34
CA ALA A 64 35.16 19.60 4.22
C ALA A 64 33.67 19.76 4.30
N VAL A 65 32.99 19.79 3.17
CA VAL A 65 31.56 19.96 3.14
C VAL A 65 30.84 18.85 3.85
N LYS A 66 31.33 17.65 3.72
CA LYS A 66 30.73 16.53 4.39
C LYS A 66 30.87 16.59 5.91
N GLU A 67 32.02 17.02 6.39
CA GLU A 67 32.25 17.04 7.81
C GLU A 67 31.28 17.94 8.48
N ALA A 68 31.09 19.10 7.90
CA ALA A 68 30.20 20.04 8.49
C ALA A 68 28.80 19.52 8.50
N LEU A 69 28.39 18.98 7.38
CA LEU A 69 27.05 18.48 7.24
C LEU A 69 26.70 17.25 8.02
N LEU A 70 27.61 16.30 8.07
CA LEU A 70 27.31 15.10 8.77
C LEU A 70 28.02 14.98 10.08
N ASP A 71 29.04 15.78 10.31
CA ASP A 71 29.74 15.63 11.55
C ASP A 71 29.38 16.61 12.62
N TYR A 72 28.79 17.71 12.23
CA TYR A 72 28.38 18.75 13.11
C TYR A 72 26.94 18.99 12.80
N LYS A 73 26.20 17.90 12.65
CA LYS A 73 24.83 17.99 12.30
C LYS A 73 24.20 18.75 13.41
N ASP A 74 24.54 18.42 14.64
CA ASP A 74 23.96 19.16 15.74
C ASP A 74 24.42 20.58 15.89
N GLU A 75 25.70 20.79 15.71
CA GLU A 75 26.29 22.10 15.79
C GLU A 75 25.84 23.06 14.71
N PHE A 76 25.58 22.54 13.52
CA PHE A 76 25.23 23.33 12.37
C PHE A 76 23.84 23.19 11.82
N SER A 77 22.86 23.07 12.68
CA SER A 77 21.51 22.89 12.24
C SER A 77 20.80 24.20 12.04
N GLY A 78 21.50 25.29 12.32
CA GLY A 78 20.94 26.62 12.17
C GLY A 78 20.73 26.99 10.71
N ARG A 79 19.83 27.95 10.47
CA ARG A 79 19.54 28.40 9.12
C ARG A 79 19.78 29.90 8.97
N GLY A 80 20.67 30.26 8.05
CA GLY A 80 20.98 31.66 7.80
C GLY A 80 19.76 32.49 7.45
N ASP A 81 19.88 33.80 7.59
CA ASP A 81 18.77 34.70 7.28
C ASP A 81 18.77 35.08 5.81
N LEU A 82 17.61 34.98 5.19
CA LEU A 82 17.46 35.32 3.80
C LEU A 82 16.34 36.32 3.85
N PRO A 83 16.68 37.57 3.76
CA PRO A 83 15.80 38.71 3.90
C PRO A 83 14.61 38.84 2.96
N ALA A 84 14.73 38.38 1.75
CA ALA A 84 13.66 38.54 0.83
C ALA A 84 12.54 37.75 1.39
N PHE A 85 12.91 36.88 2.27
CA PHE A 85 11.99 35.98 2.88
C PHE A 85 11.72 36.22 4.32
N HIS A 86 11.68 37.45 4.79
CA HIS A 86 11.39 37.61 6.19
C HIS A 86 9.96 37.22 6.44
N ALA A 87 9.16 37.29 5.40
CA ALA A 87 7.75 37.00 5.52
C ALA A 87 7.48 35.57 5.92
N HIS A 88 8.50 34.74 5.84
CA HIS A 88 8.44 33.33 6.18
C HIS A 88 9.36 32.96 7.31
N ARG A 89 10.13 33.91 7.80
CA ARG A 89 11.13 33.62 8.79
C ARG A 89 10.73 33.05 10.13
N ASP A 90 11.53 32.09 10.57
CA ASP A 90 11.37 31.40 11.84
C ASP A 90 10.01 30.81 11.99
N ARG A 91 9.52 30.28 10.90
CA ARG A 91 8.21 29.67 10.83
C ARG A 91 8.42 28.57 9.84
N GLY A 92 7.36 27.87 9.51
CA GLY A 92 7.41 26.85 8.50
C GLY A 92 8.52 25.89 8.77
N ILE A 93 9.20 25.45 7.74
CA ILE A 93 10.30 24.59 8.00
C ILE A 93 11.60 25.05 7.36
N ILE A 94 11.56 25.59 6.16
CA ILE A 94 12.77 26.02 5.49
C ILE A 94 13.53 27.16 6.07
N PHE A 95 12.80 28.09 6.63
CA PHE A 95 13.41 29.31 7.11
C PHE A 95 13.49 29.58 8.58
N ASN A 96 13.39 28.58 9.43
CA ASN A 96 13.49 28.91 10.82
C ASN A 96 14.72 28.47 11.48
N ASN A 97 15.27 29.38 12.23
CA ASN A 97 16.42 29.22 13.04
C ASN A 97 15.75 29.17 14.38
N GLY A 98 14.45 28.94 14.31
CA GLY A 98 13.58 28.83 15.46
C GLY A 98 13.47 27.47 16.14
N PRO A 99 12.96 27.49 17.35
CA PRO A 99 12.76 26.29 18.15
C PRO A 99 11.61 25.44 17.65
N THR A 100 10.82 25.99 16.76
CA THR A 100 9.72 25.26 16.22
C THR A 100 10.13 24.40 15.05
N TRP A 101 11.34 24.59 14.57
CA TRP A 101 11.73 23.88 13.41
C TRP A 101 11.78 22.40 13.51
N LYS A 102 12.31 21.89 14.60
CA LYS A 102 12.52 20.48 14.70
C LYS A 102 11.28 19.68 14.58
N ASP A 103 10.28 19.98 15.38
CA ASP A 103 9.03 19.28 15.30
C ASP A 103 8.20 19.51 14.06
N ILE A 104 8.05 20.74 13.64
CA ILE A 104 7.28 20.97 12.47
C ILE A 104 7.97 20.22 11.40
N ARG A 105 9.28 20.27 11.37
CA ARG A 105 9.91 19.50 10.33
C ARG A 105 9.67 18.03 10.52
N ARG A 106 9.75 17.58 11.76
CA ARG A 106 9.62 16.18 12.01
C ARG A 106 8.30 15.69 11.57
N PHE A 107 7.26 16.41 11.93
CA PHE A 107 5.91 16.05 11.56
C PHE A 107 5.54 16.17 10.13
N SER A 108 5.99 17.20 9.48
CA SER A 108 5.63 17.40 8.11
C SER A 108 6.11 16.25 7.31
N LEU A 109 7.26 15.73 7.68
CA LEU A 109 7.87 14.62 7.00
C LEU A 109 7.11 13.37 7.16
N THR A 110 6.61 13.14 8.35
CA THR A 110 5.90 11.93 8.56
C THR A 110 4.74 11.98 7.66
N THR A 111 4.05 13.09 7.68
CA THR A 111 2.89 13.26 6.84
C THR A 111 3.23 13.20 5.39
N LEU A 112 4.31 13.84 4.99
CA LEU A 112 4.70 13.80 3.61
C LEU A 112 5.00 12.37 3.23
N ARG A 113 5.69 11.65 4.10
CA ARG A 113 5.98 10.26 3.82
C ARG A 113 4.72 9.44 3.80
N ASN A 114 3.82 9.72 4.72
CA ASN A 114 2.64 8.92 4.87
C ASN A 114 1.86 8.89 3.61
N TYR A 115 1.71 10.05 3.00
CA TYR A 115 0.98 10.16 1.76
C TYR A 115 1.64 9.44 0.64
N GLY A 116 2.93 9.62 0.51
CA GLY A 116 3.62 8.97 -0.57
C GLY A 116 3.82 7.48 -0.65
N MET A 117 4.25 6.84 0.43
CA MET A 117 4.42 5.39 0.36
C MET A 117 3.17 4.55 0.28
N GLY A 118 2.27 4.79 1.21
CA GLY A 118 1.11 3.96 1.40
C GLY A 118 -0.32 4.30 1.04
N LYS A 119 -0.50 5.34 0.27
CA LYS A 119 -1.82 5.72 -0.19
C LYS A 119 -1.79 5.28 -1.65
N GLN A 120 -0.97 4.24 -1.84
CA GLN A 120 -0.73 3.66 -3.11
C GLN A 120 0.52 4.43 -3.53
N GLY A 121 0.65 5.55 -2.86
CA GLY A 121 1.75 6.45 -3.01
C GLY A 121 1.75 7.56 -4.02
N ASN A 122 2.89 8.19 -4.05
CA ASN A 122 3.16 9.26 -4.94
C ASN A 122 3.18 8.67 -6.32
N GLU A 123 3.63 7.45 -6.42
CA GLU A 123 3.75 6.89 -7.72
C GLU A 123 2.41 6.93 -8.34
N SER A 124 1.39 6.56 -7.60
CA SER A 124 0.10 6.58 -8.23
C SER A 124 -0.16 7.99 -8.63
N ARG A 125 0.15 8.91 -7.74
CA ARG A 125 -0.09 10.32 -7.97
C ARG A 125 0.67 10.85 -9.13
N ILE A 126 1.96 10.55 -9.19
CA ILE A 126 2.75 11.03 -10.30
C ILE A 126 2.29 10.41 -11.56
N GLN A 127 1.97 9.13 -11.52
CA GLN A 127 1.56 8.45 -12.72
C GLN A 127 0.31 9.03 -13.32
N ARG A 128 -0.59 9.44 -12.49
CA ARG A 128 -1.80 10.03 -13.00
C ARG A 128 -1.52 11.35 -13.63
N GLU A 129 -0.60 12.10 -13.08
CA GLU A 129 -0.26 13.37 -13.66
C GLU A 129 0.31 13.19 -15.02
N ALA A 130 1.03 12.12 -15.23
CA ALA A 130 1.65 11.94 -16.51
C ALA A 130 0.60 11.94 -17.54
N HIS A 131 -0.57 11.47 -17.21
CA HIS A 131 -1.60 11.44 -18.20
C HIS A 131 -1.91 12.82 -18.65
N PHE A 132 -2.03 13.73 -17.71
CA PHE A 132 -2.31 15.09 -18.05
C PHE A 132 -1.16 15.73 -18.76
N LEU A 133 0.02 15.44 -18.31
CA LEU A 133 1.16 16.05 -18.90
C LEU A 133 1.27 15.68 -20.34
N LEU A 134 1.15 14.41 -20.63
CA LEU A 134 1.24 13.96 -22.00
C LEU A 134 0.15 14.52 -22.87
N GLU A 135 -1.02 14.70 -22.32
CA GLU A 135 -2.14 15.24 -23.06
C GLU A 135 -1.84 16.64 -23.51
N ALA A 136 -1.40 17.47 -22.60
CA ALA A 136 -1.08 18.85 -22.86
C ALA A 136 -0.01 18.93 -23.88
N LEU A 137 0.95 18.04 -23.76
CA LEU A 137 2.05 17.97 -24.67
C LEU A 137 1.52 17.57 -26.01
N ARG A 138 0.52 16.71 -26.01
CA ARG A 138 -0.09 16.29 -27.25
C ARG A 138 -0.74 17.47 -27.91
N LYS A 139 -1.40 18.29 -27.11
CA LYS A 139 -2.14 19.41 -27.61
C LYS A 139 -1.30 20.41 -28.32
N THR A 140 -0.01 20.41 -28.06
CA THR A 140 0.92 21.27 -28.76
C THR A 140 0.98 20.94 -30.22
N GLN A 141 0.83 19.66 -30.50
CA GLN A 141 0.87 19.17 -31.84
C GLN A 141 2.10 19.55 -32.60
N GLY A 142 3.26 19.25 -32.02
CA GLY A 142 4.52 19.31 -32.73
C GLY A 142 4.86 20.64 -33.29
N GLN A 143 4.54 21.67 -32.53
CA GLN A 143 4.80 23.02 -32.89
C GLN A 143 5.57 23.56 -31.75
N PRO A 144 6.29 24.63 -31.96
CA PRO A 144 7.21 25.16 -30.97
C PRO A 144 6.52 25.82 -29.81
N PHE A 145 7.00 25.53 -28.61
CA PHE A 145 6.46 26.08 -27.39
C PHE A 145 7.50 26.26 -26.31
N ASP A 146 7.23 27.13 -25.35
CA ASP A 146 8.08 27.33 -24.19
C ASP A 146 7.56 26.44 -23.12
N PRO A 147 8.37 25.54 -22.63
CA PRO A 147 7.93 24.50 -21.73
C PRO A 147 7.79 24.96 -20.35
N THR A 148 8.08 26.20 -20.11
CA THR A 148 8.24 26.61 -18.75
C THR A 148 6.94 26.42 -18.01
N PHE A 149 5.87 26.86 -18.59
CA PHE A 149 4.63 26.79 -17.88
C PHE A 149 3.81 25.62 -18.30
N LEU A 150 4.35 24.75 -19.12
CA LEU A 150 3.65 23.54 -19.42
C LEU A 150 4.19 22.41 -18.61
N ILE A 151 5.49 22.29 -18.63
CA ILE A 151 6.17 21.22 -17.97
C ILE A 151 5.91 21.31 -16.51
N GLY A 152 5.93 22.53 -16.00
CA GLY A 152 5.91 22.80 -14.58
C GLY A 152 4.61 22.47 -13.95
N CYS A 153 3.63 22.25 -14.78
CA CYS A 153 2.33 21.99 -14.30
C CYS A 153 2.32 20.74 -13.53
N ALA A 154 3.08 19.77 -14.00
CA ALA A 154 3.12 18.46 -13.39
C ALA A 154 3.67 18.42 -12.01
N PRO A 155 4.78 19.04 -11.76
CA PRO A 155 5.31 19.05 -10.42
C PRO A 155 4.41 19.75 -9.45
N CYS A 156 3.83 20.85 -9.87
CA CYS A 156 2.91 21.65 -9.07
C CYS A 156 1.60 21.00 -8.73
N ASN A 157 0.98 20.34 -9.68
CA ASN A 157 -0.21 19.57 -9.42
C ASN A 157 0.00 18.44 -8.45
N VAL A 158 1.09 17.71 -8.62
CA VAL A 158 1.33 16.59 -7.75
C VAL A 158 1.43 17.10 -6.35
N ILE A 159 2.12 18.21 -6.23
CA ILE A 159 2.31 18.85 -4.96
C ILE A 159 1.02 19.36 -4.45
N ALA A 160 0.18 19.80 -5.35
CA ALA A 160 -1.08 20.38 -4.97
C ALA A 160 -1.96 19.36 -4.34
N ASP A 161 -1.92 18.16 -4.85
CA ASP A 161 -2.77 17.16 -4.28
C ASP A 161 -2.43 16.86 -2.85
N ILE A 162 -1.16 16.65 -2.57
CA ILE A 162 -0.78 16.29 -1.23
C ILE A 162 -1.10 17.38 -0.26
N LEU A 163 -0.80 18.60 -0.64
CA LEU A 163 -1.07 19.76 0.16
C LEU A 163 -2.49 20.19 0.34
N PHE A 164 -3.23 20.21 -0.76
CA PHE A 164 -4.61 20.65 -0.76
C PHE A 164 -5.56 19.72 -1.46
N ARG A 165 -5.11 18.55 -1.86
CA ARG A 165 -6.05 17.70 -2.52
C ARG A 165 -6.73 18.53 -3.56
N LYS A 166 -5.99 19.20 -4.42
CA LYS A 166 -6.59 20.06 -5.40
C LYS A 166 -6.00 19.68 -6.71
N HIS A 167 -6.63 20.06 -7.79
CA HIS A 167 -6.09 19.75 -9.08
C HIS A 167 -6.39 20.73 -10.20
N PHE A 168 -5.52 21.68 -10.40
CA PHE A 168 -5.71 22.65 -11.42
C PHE A 168 -5.63 22.06 -12.79
N ASP A 169 -6.37 22.69 -13.68
CA ASP A 169 -6.27 22.50 -15.09
C ASP A 169 -5.14 23.36 -15.57
N TYR A 170 -4.52 22.97 -16.66
CA TYR A 170 -3.31 23.60 -17.11
C TYR A 170 -3.57 24.96 -17.65
N ASN A 171 -4.81 25.40 -17.58
CA ASN A 171 -5.16 26.71 -18.09
C ASN A 171 -5.77 27.76 -17.20
N ASP A 172 -6.10 27.48 -15.94
CA ASP A 172 -6.70 28.55 -15.15
C ASP A 172 -5.71 29.62 -14.74
N GLU A 173 -6.15 30.84 -14.66
CA GLU A 173 -5.23 31.93 -14.54
C GLU A 173 -4.43 31.77 -13.28
N LYS A 174 -5.08 31.39 -12.22
CA LYS A 174 -4.42 31.37 -10.96
C LYS A 174 -3.29 30.37 -10.99
N PHE A 175 -3.51 29.26 -11.65
CA PHE A 175 -2.52 28.24 -11.61
C PHE A 175 -1.24 28.77 -12.19
N LEU A 176 -1.35 29.33 -13.36
CA LEU A 176 -0.24 29.88 -14.07
C LEU A 176 0.39 30.98 -13.30
N ARG A 177 -0.41 31.75 -12.61
CA ARG A 177 0.11 32.86 -11.87
C ARG A 177 1.01 32.32 -10.78
N LEU A 178 0.59 31.29 -10.10
CA LEU A 178 1.39 30.79 -9.01
C LEU A 178 2.65 30.37 -9.59
N MET A 179 2.53 29.76 -10.74
CA MET A 179 3.70 29.32 -11.39
C MET A 179 4.52 30.50 -11.83
N TYR A 180 3.89 31.51 -12.39
CA TYR A 180 4.66 32.61 -12.92
C TYR A 180 5.42 33.25 -11.83
N LEU A 181 4.80 33.38 -10.69
CA LEU A 181 5.45 33.90 -9.51
C LEU A 181 6.54 33.01 -8.98
N PHE A 182 6.37 31.70 -9.05
CA PHE A 182 7.42 30.80 -8.59
C PHE A 182 8.66 30.98 -9.42
N ASN A 183 8.48 31.12 -10.71
CA ASN A 183 9.53 31.37 -11.66
C ASN A 183 10.20 32.69 -11.50
N GLU A 184 9.43 33.73 -11.31
CA GLU A 184 10.00 35.04 -11.21
C GLU A 184 10.86 35.19 -10.03
N ASN A 185 10.48 34.59 -8.92
CA ASN A 185 11.30 34.65 -7.72
C ASN A 185 12.59 33.90 -7.76
N PHE A 186 12.56 32.72 -8.32
CA PHE A 186 13.74 31.93 -8.48
C PHE A 186 14.69 32.61 -9.39
N HIS A 187 14.13 33.23 -10.40
CA HIS A 187 14.90 33.97 -11.35
C HIS A 187 15.58 35.14 -10.73
N LEU A 188 14.83 35.93 -10.00
CA LEU A 188 15.34 37.09 -9.30
C LEU A 188 16.28 36.76 -8.21
N LEU A 189 16.08 35.64 -7.57
CA LEU A 189 16.86 35.28 -6.43
C LEU A 189 18.24 34.91 -6.81
N SER A 190 18.45 34.78 -8.11
CA SER A 190 19.69 34.38 -8.68
C SER A 190 20.41 35.50 -9.37
N THR A 191 20.09 36.73 -9.11
CA THR A 191 20.69 37.79 -9.85
C THR A 191 21.48 38.66 -8.92
N PRO A 192 22.29 39.54 -9.47
CA PRO A 192 23.18 40.29 -8.63
C PRO A 192 22.51 41.19 -7.63
N TRP A 193 21.45 41.88 -7.96
CA TRP A 193 20.89 42.83 -7.04
C TRP A 193 20.36 42.17 -5.80
N LEU A 194 19.77 41.02 -5.95
CA LEU A 194 19.27 40.23 -4.85
C LEU A 194 20.33 39.65 -3.96
N GLN A 195 21.49 39.38 -4.49
CA GLN A 195 22.58 38.94 -3.69
C GLN A 195 23.07 40.02 -2.77
N LEU A 196 23.15 41.23 -3.27
CA LEU A 196 23.53 42.32 -2.44
C LEU A 196 22.48 42.58 -1.42
N TYR A 197 21.25 42.56 -1.82
CA TYR A 197 20.20 42.77 -0.88
C TYR A 197 20.26 41.70 0.17
N ASN A 198 20.63 40.50 -0.19
CA ASN A 198 20.61 39.47 0.79
C ASN A 198 21.51 39.89 1.91
N ASN A 199 22.67 40.43 1.60
CA ASN A 199 23.56 40.81 2.68
C ASN A 199 23.62 42.25 3.12
N PHE A 200 22.92 43.15 2.45
CA PHE A 200 22.85 44.51 2.92
C PHE A 200 21.46 45.03 2.93
N PRO A 201 20.56 44.33 3.60
CA PRO A 201 19.14 44.62 3.62
C PRO A 201 18.63 45.90 4.24
N SER A 202 19.11 46.26 5.40
CA SER A 202 18.63 47.43 6.06
C SER A 202 18.95 48.62 5.24
N PHE A 203 20.10 48.53 4.59
CA PHE A 203 20.62 49.52 3.67
C PHE A 203 19.85 49.73 2.41
N LEU A 204 19.44 48.66 1.79
CA LEU A 204 18.90 48.70 0.46
C LEU A 204 17.40 48.55 0.41
N HIS A 205 16.82 48.17 1.52
CA HIS A 205 15.46 47.70 1.54
C HIS A 205 14.46 48.69 1.08
N TYR A 206 14.65 49.95 1.37
CA TYR A 206 13.64 50.92 1.03
C TYR A 206 14.01 51.74 -0.15
N LEU A 207 14.90 51.22 -0.96
CA LEU A 207 15.28 51.87 -2.16
C LEU A 207 14.59 51.11 -3.23
N PRO A 208 14.44 51.69 -4.38
CA PRO A 208 13.79 50.95 -5.44
C PRO A 208 14.67 49.82 -5.90
N GLY A 209 14.07 48.69 -6.15
CA GLY A 209 14.83 47.55 -6.51
C GLY A 209 13.90 46.47 -6.93
N SER A 210 14.45 45.41 -7.46
CA SER A 210 13.70 44.26 -7.83
C SER A 210 13.60 43.38 -6.64
N HIS A 211 14.18 43.80 -5.55
CA HIS A 211 14.00 43.12 -4.30
C HIS A 211 12.58 43.26 -3.84
N ARG A 212 11.96 44.36 -4.20
CA ARG A 212 10.57 44.64 -3.94
C ARG A 212 9.61 43.79 -4.69
N LYS A 213 9.89 43.50 -5.94
CA LYS A 213 9.03 42.57 -6.62
C LYS A 213 9.15 41.25 -5.96
N VAL A 214 10.33 40.87 -5.55
CA VAL A 214 10.51 39.56 -4.99
C VAL A 214 9.72 39.40 -3.75
N ILE A 215 9.72 40.43 -2.95
CA ILE A 215 8.93 40.48 -1.75
C ILE A 215 7.45 40.45 -1.97
N LYS A 216 6.96 41.13 -2.99
CA LYS A 216 5.55 41.14 -3.22
C LYS A 216 5.08 39.76 -3.50
N ASN A 217 5.79 39.05 -4.35
CA ASN A 217 5.38 37.72 -4.72
C ASN A 217 5.37 36.78 -3.55
N VAL A 218 6.29 36.96 -2.65
CA VAL A 218 6.39 36.02 -1.58
C VAL A 218 5.12 36.12 -0.84
N ALA A 219 4.63 37.34 -0.75
CA ALA A 219 3.34 37.69 -0.17
C ALA A 219 2.12 37.22 -0.90
N GLU A 220 2.09 37.36 -2.21
CA GLU A 220 0.96 36.93 -2.96
C GLU A 220 0.84 35.46 -2.78
N VAL A 221 1.95 34.78 -2.80
CA VAL A 221 1.97 33.36 -2.56
C VAL A 221 1.55 32.93 -1.19
N LYS A 222 1.96 33.66 -0.16
CA LYS A 222 1.48 33.35 1.16
C LYS A 222 -0.01 33.56 1.23
N GLU A 223 -0.47 34.66 0.67
CA GLU A 223 -1.87 34.99 0.73
C GLU A 223 -2.72 34.00 0.02
N TYR A 224 -2.32 33.55 -1.13
CA TYR A 224 -3.12 32.54 -1.76
C TYR A 224 -3.13 31.30 -0.90
N VAL A 225 -1.99 30.93 -0.38
CA VAL A 225 -1.95 29.83 0.53
C VAL A 225 -2.61 30.19 1.83
N SER A 226 -2.68 31.47 2.13
CA SER A 226 -3.25 31.83 3.38
C SER A 226 -4.69 31.46 3.44
N GLU A 227 -5.42 31.79 2.40
CA GLU A 227 -6.82 31.50 2.37
C GLU A 227 -7.19 30.04 2.34
N ARG A 228 -6.47 29.28 1.57
CA ARG A 228 -6.77 27.87 1.41
C ARG A 228 -6.70 27.18 2.72
N VAL A 229 -5.88 27.65 3.62
CA VAL A 229 -5.84 27.09 4.95
C VAL A 229 -7.14 27.34 5.72
N LYS A 230 -7.62 28.56 5.67
CA LYS A 230 -8.87 28.84 6.34
C LYS A 230 -9.97 28.04 5.70
N GLU A 231 -9.96 27.91 4.40
CA GLU A 231 -11.00 27.18 3.74
C GLU A 231 -10.95 25.81 4.30
N HIS A 232 -9.77 25.31 4.54
CA HIS A 232 -9.68 23.98 5.09
C HIS A 232 -10.26 23.89 6.46
N HIS A 233 -10.03 24.90 7.26
CA HIS A 233 -10.51 24.93 8.62
C HIS A 233 -12.01 24.91 8.66
N GLN A 234 -12.59 25.66 7.76
CA GLN A 234 -14.01 25.90 7.76
C GLN A 234 -14.70 24.57 7.59
N SER A 235 -14.11 23.71 6.78
CA SER A 235 -14.71 22.44 6.46
C SER A 235 -14.04 21.30 7.17
N LEU A 236 -13.26 21.60 8.19
CA LEU A 236 -12.35 20.61 8.70
C LEU A 236 -12.98 19.49 9.47
N ASP A 237 -12.81 18.27 8.98
CA ASP A 237 -13.21 17.10 9.71
C ASP A 237 -11.97 16.38 10.18
N PRO A 238 -11.78 16.37 11.47
CA PRO A 238 -10.65 15.72 12.10
C PRO A 238 -10.69 14.24 11.88
N ASN A 239 -11.86 13.67 11.84
CA ASN A 239 -11.96 12.24 11.73
C ASN A 239 -11.35 11.79 10.43
N CYS A 240 -11.65 12.51 9.37
CA CYS A 240 -11.02 12.22 8.09
C CYS A 240 -10.30 13.42 7.52
N PRO A 241 -9.00 13.30 7.41
CA PRO A 241 -8.17 14.42 6.98
C PRO A 241 -7.76 14.21 5.55
N ARG A 242 -8.17 15.18 4.76
CA ARG A 242 -8.01 15.15 3.33
C ARG A 242 -6.58 15.17 2.84
N ASP A 243 -5.71 15.82 3.56
CA ASP A 243 -4.44 16.13 2.99
C ASP A 243 -3.52 16.71 4.01
N LEU A 244 -2.36 17.10 3.57
CA LEU A 244 -1.32 17.47 4.46
C LEU A 244 -1.73 18.64 5.26
N THR A 245 -2.45 19.52 4.63
CA THR A 245 -2.88 20.73 5.27
C THR A 245 -3.80 20.46 6.43
N ASP A 246 -4.66 19.46 6.30
CA ASP A 246 -5.54 19.12 7.40
C ASP A 246 -4.72 18.66 8.58
N CYS A 247 -3.80 17.75 8.33
CA CYS A 247 -3.16 17.06 9.39
C CYS A 247 -2.56 18.17 10.16
N LEU A 248 -2.16 19.19 9.47
CA LEU A 248 -1.58 20.31 10.14
C LEU A 248 -2.61 20.94 11.04
N LEU A 249 -3.82 21.08 10.57
CA LEU A 249 -4.85 21.66 11.39
C LEU A 249 -5.12 20.80 12.57
N VAL A 250 -5.15 19.51 12.33
CA VAL A 250 -5.58 18.64 13.36
C VAL A 250 -4.62 18.88 14.49
N GLU A 251 -3.36 18.94 14.19
CA GLU A 251 -2.34 19.06 15.22
C GLU A 251 -2.49 20.32 16.02
N MET A 252 -2.94 21.38 15.37
CA MET A 252 -3.10 22.64 16.05
C MET A 252 -4.21 22.71 17.05
N GLU A 253 -5.33 22.13 16.68
CA GLU A 253 -6.49 22.08 17.56
C GLU A 253 -6.19 21.22 18.76
N LYS A 254 -5.45 20.15 18.55
CA LYS A 254 -5.16 19.20 19.60
C LYS A 254 -4.41 19.89 20.68
N GLU A 255 -3.64 20.89 20.33
CA GLU A 255 -2.82 21.52 21.34
C GLU A 255 -3.23 22.93 21.64
N LYS A 256 -4.46 23.29 21.34
CA LYS A 256 -4.93 24.66 21.57
C LYS A 256 -5.05 25.18 22.99
N HIS A 257 -5.45 24.37 23.94
CA HIS A 257 -5.67 24.91 25.27
C HIS A 257 -4.36 24.91 26.02
N SER A 258 -3.34 24.36 25.39
CA SER A 258 -2.01 24.44 25.91
C SER A 258 -1.58 25.86 25.80
N ALA A 259 -0.92 26.37 26.81
CA ALA A 259 -0.50 27.76 26.78
C ALA A 259 0.56 28.15 25.76
N GLU A 260 1.60 27.35 25.60
CA GLU A 260 2.66 27.77 24.72
C GLU A 260 2.63 26.96 23.44
N ARG A 261 2.40 27.67 22.34
CA ARG A 261 1.92 27.07 21.12
C ARG A 261 3.04 26.70 20.19
N LEU A 262 2.88 25.56 19.54
CA LEU A 262 3.80 25.12 18.52
C LEU A 262 3.13 25.09 17.20
N TYR A 263 1.97 25.69 17.08
CA TYR A 263 1.35 25.90 15.79
C TYR A 263 0.52 27.15 15.79
N THR A 264 0.58 27.92 14.73
CA THR A 264 -0.28 29.04 14.58
C THR A 264 -0.75 28.95 13.19
N MET A 265 -1.75 29.71 12.86
CA MET A 265 -2.25 29.78 11.51
C MET A 265 -1.20 30.33 10.61
N ASP A 266 -0.45 31.28 11.12
CA ASP A 266 0.58 31.83 10.31
C ASP A 266 1.48 30.67 10.08
N GLY A 267 1.76 29.95 11.12
CA GLY A 267 2.76 28.92 11.04
C GLY A 267 2.42 27.87 10.03
N ILE A 268 1.17 27.48 9.95
CA ILE A 268 0.76 26.53 8.95
C ILE A 268 0.78 27.09 7.55
N THR A 269 0.37 28.32 7.39
CA THR A 269 0.31 28.91 6.06
C THR A 269 1.67 28.98 5.46
N VAL A 270 2.65 29.36 6.26
CA VAL A 270 4.00 29.40 5.78
C VAL A 270 4.48 28.02 5.41
N THR A 271 4.31 27.08 6.30
CA THR A 271 4.84 25.76 6.16
C THR A 271 4.33 25.15 4.92
N VAL A 272 3.08 25.43 4.63
CA VAL A 272 2.46 24.99 3.42
C VAL A 272 3.03 25.67 2.21
N ALA A 273 3.33 26.94 2.35
CA ALA A 273 3.94 27.67 1.27
C ALA A 273 5.30 27.11 0.97
N ASP A 274 6.07 26.83 2.00
CA ASP A 274 7.41 26.45 1.77
C ASP A 274 7.33 25.25 0.92
N LEU A 275 6.49 24.32 1.29
CA LEU A 275 6.31 23.11 0.50
C LEU A 275 5.75 23.41 -0.86
N PHE A 276 4.95 24.44 -0.97
CA PHE A 276 4.34 24.66 -2.26
C PHE A 276 5.29 24.98 -3.37
N PHE A 277 6.28 25.81 -3.13
CA PHE A 277 7.23 26.08 -4.18
C PHE A 277 8.48 25.29 -4.13
N ALA A 278 8.89 24.89 -2.99
CA ALA A 278 10.04 24.07 -3.02
C ALA A 278 9.55 22.95 -3.86
N GLY A 279 8.36 22.50 -3.54
CA GLY A 279 7.77 21.33 -4.10
C GLY A 279 7.52 21.46 -5.57
N THR A 280 7.37 22.68 -6.02
CA THR A 280 7.02 22.94 -7.38
C THR A 280 8.17 23.39 -8.21
N GLU A 281 8.80 24.45 -7.80
CA GLU A 281 9.78 25.09 -8.64
C GLU A 281 11.03 24.31 -8.83
N THR A 282 11.49 23.64 -7.81
CA THR A 282 12.73 22.95 -7.95
C THR A 282 12.68 21.88 -9.00
N THR A 283 11.69 21.02 -8.93
CA THR A 283 11.52 19.98 -9.90
C THR A 283 11.24 20.45 -11.29
N SER A 284 10.43 21.45 -11.46
CA SER A 284 10.15 21.96 -12.78
C SER A 284 11.39 22.50 -13.43
N THR A 285 12.19 23.21 -12.68
CA THR A 285 13.40 23.70 -13.22
C THR A 285 14.30 22.57 -13.61
N THR A 286 14.44 21.55 -12.79
CA THR A 286 15.27 20.43 -13.16
C THR A 286 14.77 19.72 -14.39
N LEU A 287 13.47 19.53 -14.50
CA LEU A 287 12.89 18.92 -15.65
C LEU A 287 13.13 19.73 -16.88
N ARG A 288 12.99 21.03 -16.80
CA ARG A 288 13.21 21.87 -17.95
C ARG A 288 14.63 21.89 -18.46
N TYR A 289 15.57 21.87 -17.54
CA TYR A 289 16.96 21.84 -17.88
C TYR A 289 17.33 20.56 -18.60
N GLY A 290 16.77 19.45 -18.18
CA GLY A 290 17.06 18.17 -18.79
C GLY A 290 16.65 18.02 -20.23
N LEU A 291 15.50 18.56 -20.55
CA LEU A 291 15.03 18.52 -21.87
C LEU A 291 15.98 19.28 -22.74
N LEU A 292 16.43 20.42 -22.28
CA LEU A 292 17.41 21.14 -23.05
C LEU A 292 18.72 20.37 -23.17
N ILE A 293 19.16 19.74 -22.10
CA ILE A 293 20.39 18.99 -22.16
C ILE A 293 20.24 17.90 -23.14
N LEU A 294 19.11 17.22 -23.12
CA LEU A 294 18.91 16.11 -24.02
C LEU A 294 18.92 16.51 -25.45
N MET A 295 18.39 17.66 -25.75
CA MET A 295 18.40 18.16 -27.08
C MET A 295 19.78 18.44 -27.62
N LYS A 296 20.70 18.84 -26.78
CA LYS A 296 22.04 19.06 -27.24
C LYS A 296 22.78 17.79 -27.65
N TYR A 297 22.69 16.77 -26.82
CA TYR A 297 23.27 15.49 -27.12
C TYR A 297 22.15 14.59 -27.59
N PRO A 298 21.98 14.53 -28.88
CA PRO A 298 20.91 13.77 -29.48
C PRO A 298 21.05 12.32 -29.26
N GLU A 299 22.28 11.88 -29.33
CA GLU A 299 22.59 10.48 -29.25
C GLU A 299 22.24 9.91 -27.92
N ILE A 300 22.36 10.69 -26.88
CA ILE A 300 21.96 10.27 -25.56
C ILE A 300 20.48 10.04 -25.46
N GLU A 301 19.69 10.87 -26.12
CA GLU A 301 18.27 10.66 -26.22
C GLU A 301 17.87 9.43 -26.98
N GLU A 302 18.54 9.16 -28.08
CA GLU A 302 18.24 7.99 -28.85
C GLU A 302 18.52 6.79 -28.02
N LYS A 303 19.61 6.80 -27.28
CA LYS A 303 19.92 5.69 -26.42
C LYS A 303 18.84 5.54 -25.39
N LEU A 304 18.36 6.64 -24.86
CA LEU A 304 17.39 6.46 -23.84
C LEU A 304 16.22 5.79 -24.46
N HIS A 305 15.86 6.24 -25.63
CA HIS A 305 14.60 5.90 -26.23
C HIS A 305 14.55 4.44 -26.40
N GLU A 306 15.68 3.85 -26.72
CA GLU A 306 15.79 2.42 -26.88
C GLU A 306 15.49 1.63 -25.63
N GLU A 307 16.00 2.07 -24.51
CA GLU A 307 15.71 1.39 -23.28
C GLU A 307 14.26 1.45 -22.89
N ILE A 308 13.63 2.58 -23.02
CA ILE A 308 12.27 2.63 -22.59
C ILE A 308 11.47 1.71 -23.43
N ASP A 309 11.65 1.78 -24.72
CA ASP A 309 10.85 0.97 -25.56
C ASP A 309 11.16 -0.45 -25.27
N ARG A 310 12.42 -0.78 -25.11
CA ARG A 310 12.77 -2.14 -24.84
C ARG A 310 12.31 -2.65 -23.52
N VAL A 311 12.66 -1.97 -22.46
CA VAL A 311 12.21 -2.30 -21.13
C VAL A 311 10.75 -2.12 -20.84
N ILE A 312 10.15 -1.04 -21.28
CA ILE A 312 8.79 -0.77 -20.87
C ILE A 312 7.75 -0.89 -21.93
N GLY A 313 8.14 -0.77 -23.16
CA GLY A 313 7.24 -0.87 -24.28
C GLY A 313 6.63 0.46 -24.61
N PRO A 314 5.89 0.49 -25.70
CA PRO A 314 5.27 1.71 -26.15
C PRO A 314 4.23 2.27 -25.22
N SER A 315 3.41 1.48 -24.61
CA SER A 315 2.32 2.07 -23.88
C SER A 315 2.41 2.04 -22.39
N ARG A 316 2.97 1.00 -21.82
CA ARG A 316 2.84 0.85 -20.41
C ARG A 316 3.47 2.04 -19.77
N ILE A 317 2.79 2.64 -18.82
CA ILE A 317 3.30 3.85 -18.18
C ILE A 317 4.44 3.45 -17.32
N PRO A 318 5.37 4.36 -17.10
CA PRO A 318 6.55 4.07 -16.32
C PRO A 318 6.20 3.85 -14.88
N ALA A 319 7.02 3.07 -14.20
CA ALA A 319 6.87 2.85 -12.79
C ALA A 319 8.21 2.48 -12.25
N ILE A 320 8.43 2.69 -10.98
CA ILE A 320 9.76 2.66 -10.44
C ILE A 320 10.36 1.30 -10.40
N LYS A 321 9.57 0.29 -10.64
CA LYS A 321 10.11 -1.03 -10.56
C LYS A 321 11.10 -1.05 -11.67
N ASP A 322 10.95 -0.14 -12.63
CA ASP A 322 11.75 -0.16 -13.85
C ASP A 322 13.06 0.56 -13.78
N ARG A 323 13.35 1.16 -12.65
CA ARG A 323 14.59 1.84 -12.49
C ARG A 323 15.78 0.89 -12.43
N GLN A 324 15.59 -0.22 -11.75
CA GLN A 324 16.61 -1.23 -11.64
C GLN A 324 16.90 -1.77 -12.98
N GLU A 325 15.90 -1.77 -13.81
CA GLU A 325 15.99 -2.40 -15.10
C GLU A 325 16.40 -1.42 -16.17
N MET A 326 16.66 -0.19 -15.77
CA MET A 326 16.94 0.88 -16.70
C MET A 326 18.17 1.67 -16.33
N PRO A 327 19.34 1.12 -16.54
CA PRO A 327 20.57 1.78 -16.11
C PRO A 327 20.89 3.10 -16.78
N TYR A 328 20.67 3.27 -18.07
CA TYR A 328 20.95 4.53 -18.72
C TYR A 328 20.09 5.66 -18.24
N MET A 329 18.82 5.44 -18.03
CA MET A 329 17.95 6.44 -17.47
C MET A 329 18.33 6.84 -16.08
N ASP A 330 18.67 5.87 -15.28
CA ASP A 330 18.91 6.10 -13.90
C ASP A 330 20.07 7.04 -13.73
N ALA A 331 21.09 6.84 -14.54
CA ALA A 331 22.26 7.69 -14.69
C ALA A 331 22.01 9.01 -15.33
N VAL A 332 21.21 9.01 -16.36
CA VAL A 332 20.92 10.22 -17.02
C VAL A 332 20.21 11.08 -16.03
N VAL A 333 19.34 10.49 -15.26
CA VAL A 333 18.57 11.24 -14.31
C VAL A 333 19.44 11.87 -13.27
N HIS A 334 20.45 11.17 -12.81
CA HIS A 334 21.41 11.77 -11.93
C HIS A 334 22.27 12.81 -12.58
N GLU A 335 22.86 12.52 -13.71
CA GLU A 335 23.85 13.41 -14.23
C GLU A 335 23.24 14.75 -14.45
N ILE A 336 21.97 14.79 -14.78
CA ILE A 336 21.28 16.05 -14.95
C ILE A 336 21.26 16.84 -13.67
N GLN A 337 21.00 16.17 -12.58
CA GLN A 337 21.05 16.81 -11.31
C GLN A 337 22.42 17.22 -10.90
N ARG A 338 23.38 16.37 -11.15
CA ARG A 338 24.76 16.65 -10.89
C ARG A 338 25.33 17.73 -11.75
N PHE A 339 25.03 17.69 -13.04
CA PHE A 339 25.52 18.67 -13.99
C PHE A 339 25.02 20.10 -13.85
N ILE A 340 23.75 20.27 -13.54
CA ILE A 340 23.18 21.57 -13.49
C ILE A 340 23.39 22.31 -12.19
N THR A 341 23.80 21.62 -11.15
CA THR A 341 24.18 22.28 -9.91
C THR A 341 23.21 23.35 -9.51
N LEU A 342 21.99 22.94 -9.24
CA LEU A 342 20.85 23.81 -9.11
C LEU A 342 20.85 24.79 -7.96
N VAL A 343 21.28 24.37 -6.79
CA VAL A 343 21.45 25.27 -5.67
C VAL A 343 22.82 25.10 -5.13
N PRO A 344 23.73 25.76 -5.79
CA PRO A 344 25.15 25.62 -5.65
C PRO A 344 25.78 25.98 -4.33
N SER A 345 25.29 27.01 -3.68
CA SER A 345 25.95 27.53 -2.54
C SER A 345 25.18 26.97 -1.42
N ASN A 346 24.38 26.01 -1.77
CA ASN A 346 23.61 25.30 -0.81
C ASN A 346 22.61 26.29 -0.33
N LEU A 347 21.97 25.99 0.78
CA LEU A 347 21.03 26.88 1.39
C LEU A 347 21.68 27.09 2.71
N PRO A 348 21.66 28.30 3.22
CA PRO A 348 22.53 28.69 4.31
C PRO A 348 22.27 28.08 5.66
N HIS A 349 23.33 27.87 6.39
CA HIS A 349 23.29 27.24 7.68
C HIS A 349 23.86 28.24 8.65
N GLU A 350 23.54 28.07 9.91
CA GLU A 350 24.05 28.92 10.95
C GLU A 350 24.55 28.01 12.05
N ALA A 351 25.54 28.48 12.79
CA ALA A 351 26.14 27.68 13.83
C ALA A 351 25.37 27.91 15.09
N THR A 352 24.80 26.86 15.63
CA THR A 352 23.99 26.98 16.80
C THR A 352 24.75 27.43 18.04
N ARG A 353 25.89 26.83 18.32
CA ARG A 353 26.64 27.18 19.50
C ARG A 353 28.06 27.43 19.12
N ASP A 354 28.83 28.09 19.96
CA ASP A 354 30.19 28.37 19.59
C ASP A 354 30.77 27.04 19.23
N THR A 355 31.53 26.98 18.16
CA THR A 355 32.02 25.68 17.74
C THR A 355 33.41 25.66 17.16
N ILE A 356 34.07 24.52 17.24
CA ILE A 356 35.44 24.43 16.77
C ILE A 356 35.44 23.54 15.58
N PHE A 357 35.92 24.02 14.45
CA PHE A 357 35.94 23.18 13.28
C PHE A 357 37.31 22.91 12.83
N ARG A 358 37.71 21.68 12.86
CA ARG A 358 39.09 21.48 12.58
C ARG A 358 39.67 22.28 13.69
N GLY A 359 40.58 23.19 13.42
CA GLY A 359 41.20 23.91 14.50
C GLY A 359 40.61 25.24 14.86
N TYR A 360 39.60 25.62 14.12
CA TYR A 360 39.15 26.97 14.15
C TYR A 360 37.95 27.15 14.98
N LEU A 361 37.67 28.37 15.31
CA LEU A 361 36.53 28.66 16.08
C LEU A 361 35.49 29.25 15.21
N ILE A 362 34.29 28.71 15.30
CA ILE A 362 33.19 29.30 14.63
C ILE A 362 32.22 29.78 15.68
N PRO A 363 31.99 31.06 15.72
CA PRO A 363 31.15 31.69 16.72
C PRO A 363 29.74 31.34 16.54
N LYS A 364 28.90 31.57 17.52
CA LYS A 364 27.49 31.36 17.36
C LYS A 364 26.95 32.45 16.48
N GLY A 365 26.02 32.09 15.62
CA GLY A 365 25.45 33.03 14.70
C GLY A 365 26.21 33.21 13.43
N THR A 366 27.31 32.51 13.31
CA THR A 366 28.12 32.51 12.10
C THR A 366 27.42 31.79 10.99
N VAL A 367 27.67 32.19 9.76
CA VAL A 367 26.94 31.63 8.66
C VAL A 367 27.82 30.67 7.96
N VAL A 368 27.38 29.44 7.91
CA VAL A 368 28.17 28.35 7.47
C VAL A 368 27.65 27.91 6.14
N VAL A 369 28.53 27.83 5.16
CA VAL A 369 28.09 27.45 3.85
C VAL A 369 28.75 26.20 3.40
N PRO A 370 27.96 25.20 3.14
CA PRO A 370 28.45 23.96 2.59
C PRO A 370 28.13 23.97 1.12
N THR A 371 29.10 24.03 0.24
CA THR A 371 28.80 24.30 -1.12
C THR A 371 28.72 23.07 -1.92
N LEU A 372 27.55 22.80 -2.47
CA LEU A 372 27.33 21.63 -3.27
C LEU A 372 28.06 21.58 -4.57
N ASP A 373 28.09 22.67 -5.28
CA ASP A 373 28.61 22.62 -6.60
C ASP A 373 30.01 22.17 -6.51
N SER A 374 30.67 22.47 -5.41
CA SER A 374 32.01 22.00 -5.14
C SER A 374 32.11 20.51 -4.96
N VAL A 375 31.10 19.92 -4.38
CA VAL A 375 31.00 18.49 -4.27
C VAL A 375 30.67 17.78 -5.56
N LEU A 376 29.76 18.34 -6.34
CA LEU A 376 29.20 17.65 -7.46
C LEU A 376 30.05 17.80 -8.66
N TYR A 377 31.11 18.54 -8.55
CA TYR A 377 32.03 18.66 -9.63
C TYR A 377 33.38 18.12 -9.28
N ASP A 378 33.46 17.20 -8.34
CA ASP A 378 34.74 16.75 -7.90
C ASP A 378 35.34 16.26 -9.15
N ASN A 379 36.57 16.63 -9.42
CA ASN A 379 37.11 16.27 -10.70
C ASN A 379 37.79 14.97 -10.54
N GLN A 380 37.73 14.44 -9.34
CA GLN A 380 38.25 13.12 -9.09
C GLN A 380 37.14 12.13 -9.08
N GLU A 381 36.03 12.49 -8.49
CA GLU A 381 34.87 11.65 -8.62
C GLU A 381 34.30 11.63 -9.98
N PHE A 382 34.18 12.78 -10.61
CA PHE A 382 33.47 12.88 -11.87
C PHE A 382 34.35 13.59 -12.83
N PRO A 383 35.23 12.84 -13.45
CA PRO A 383 36.26 13.35 -14.32
C PRO A 383 35.64 14.06 -15.45
N ASP A 384 36.26 15.13 -15.91
CA ASP A 384 35.61 16.04 -16.82
C ASP A 384 34.31 16.54 -16.29
N PRO A 385 34.35 17.08 -15.10
CA PRO A 385 33.17 17.40 -14.34
C PRO A 385 32.35 18.42 -15.05
N GLU A 386 32.95 19.22 -15.86
CA GLU A 386 32.24 20.19 -16.65
C GLU A 386 31.30 19.59 -17.67
N LYS A 387 31.69 18.47 -18.22
CA LYS A 387 30.95 17.73 -19.21
C LYS A 387 29.79 16.91 -18.74
N PHE A 388 28.76 16.83 -19.55
CA PHE A 388 27.63 16.00 -19.30
C PHE A 388 27.95 14.66 -19.86
N LYS A 389 28.15 13.69 -18.99
CA LYS A 389 28.39 12.35 -19.38
C LYS A 389 27.65 11.44 -18.47
N PRO A 390 26.79 10.59 -18.97
CA PRO A 390 26.04 9.72 -18.11
C PRO A 390 26.92 8.68 -17.51
N GLU A 391 28.11 8.53 -18.04
CA GLU A 391 28.93 7.43 -17.65
C GLU A 391 29.64 7.81 -16.40
N HIS A 392 29.27 8.95 -15.87
CA HIS A 392 29.64 9.42 -14.56
C HIS A 392 29.01 8.53 -13.55
N PHE A 393 27.84 8.05 -13.89
CA PHE A 393 27.06 7.20 -13.02
C PHE A 393 26.93 5.76 -13.48
N LEU A 394 27.71 5.37 -14.46
CA LEU A 394 27.70 4.04 -14.98
C LEU A 394 29.05 3.51 -14.73
N ASN A 395 29.14 2.23 -14.43
CA ASN A 395 30.41 1.59 -14.33
C ASN A 395 30.73 0.95 -15.65
N GLU A 396 31.89 0.32 -15.77
CA GLU A 396 32.42 -0.11 -17.04
C GLU A 396 31.65 -1.25 -17.57
N ASN A 397 30.77 -1.79 -16.77
CA ASN A 397 30.01 -2.92 -17.23
C ASN A 397 28.64 -2.50 -17.62
N GLY A 398 28.43 -1.21 -17.67
CA GLY A 398 27.16 -0.61 -18.08
C GLY A 398 26.12 -0.51 -17.01
N LYS A 399 26.45 -0.98 -15.82
CA LYS A 399 25.57 -0.92 -14.70
C LYS A 399 25.66 0.40 -13.94
N PHE A 400 24.67 0.74 -13.17
CA PHE A 400 24.65 2.00 -12.45
C PHE A 400 25.75 2.09 -11.44
N LYS A 401 26.32 3.26 -11.22
CA LYS A 401 27.28 3.41 -10.14
C LYS A 401 26.94 4.52 -9.16
N TYR A 402 26.72 4.17 -7.90
CA TYR A 402 26.39 5.13 -6.87
C TYR A 402 27.57 5.96 -6.53
N SER A 403 27.33 7.17 -6.12
CA SER A 403 28.38 8.09 -5.75
C SER A 403 28.08 8.76 -4.46
N ASP A 404 29.02 8.78 -3.56
CA ASP A 404 28.73 9.39 -2.31
C ASP A 404 28.69 10.85 -2.50
N TYR A 405 29.10 11.26 -3.67
CA TYR A 405 29.26 12.65 -4.00
C TYR A 405 28.04 13.18 -4.63
N PHE A 406 27.04 12.36 -4.76
CA PHE A 406 25.85 12.86 -5.36
C PHE A 406 24.99 13.41 -4.27
N LYS A 407 25.11 14.70 -4.02
CA LYS A 407 24.30 15.43 -3.05
C LYS A 407 23.73 16.69 -3.58
N PRO A 408 22.81 16.65 -4.51
CA PRO A 408 22.07 17.80 -4.95
C PRO A 408 21.16 18.33 -3.89
N PHE A 409 20.70 17.45 -3.04
CA PHE A 409 19.76 17.75 -1.98
C PHE A 409 20.46 17.96 -0.69
N SER A 410 21.77 17.94 -0.68
CA SER A 410 22.51 18.18 0.52
C SER A 410 22.47 16.96 1.37
N THR A 411 22.79 17.11 2.64
CA THR A 411 22.76 15.99 3.55
C THR A 411 22.70 16.44 4.98
N GLY A 412 22.42 15.52 5.89
CA GLY A 412 22.31 15.88 7.29
C GLY A 412 20.99 16.21 7.90
N LYS A 413 21.06 17.10 8.87
CA LYS A 413 19.95 17.53 9.68
C LYS A 413 18.91 18.26 8.92
N ARG A 414 19.26 18.84 7.78
CA ARG A 414 18.35 19.65 7.00
C ARG A 414 18.20 19.35 5.51
N VAL A 415 18.46 18.14 5.43
CA VAL A 415 18.40 17.75 4.01
C VAL A 415 17.04 18.03 3.39
N CYS A 416 17.06 18.59 2.18
CA CYS A 416 15.82 18.91 1.48
C CYS A 416 14.67 18.04 1.96
N ALA A 417 13.54 18.65 2.25
CA ALA A 417 12.36 17.93 2.72
C ALA A 417 11.52 17.42 1.55
N GLY A 418 11.92 16.30 0.98
CA GLY A 418 11.22 15.71 -0.14
C GLY A 418 12.16 15.12 -1.16
N GLU A 419 13.33 14.70 -0.72
CA GLU A 419 14.33 14.11 -1.60
C GLU A 419 13.74 12.95 -2.40
N GLY A 420 12.62 12.43 -1.93
CA GLY A 420 11.96 11.33 -2.59
C GLY A 420 10.96 11.69 -3.65
N LEU A 421 10.18 12.67 -3.36
CA LEU A 421 9.23 13.10 -4.32
C LEU A 421 10.01 13.59 -5.49
N ALA A 422 11.04 14.35 -5.21
CA ALA A 422 11.76 14.96 -6.27
C ALA A 422 12.35 13.95 -7.16
N ARG A 423 13.03 12.97 -6.59
CA ARG A 423 13.70 11.97 -7.39
C ARG A 423 12.80 11.09 -8.18
N MET A 424 11.70 10.74 -7.58
CA MET A 424 10.70 9.92 -8.21
C MET A 424 10.04 10.62 -9.33
N GLU A 425 9.82 11.92 -9.16
CA GLU A 425 9.20 12.73 -10.19
C GLU A 425 10.02 12.84 -11.42
N LEU A 426 11.32 13.06 -11.28
CA LEU A 426 12.16 13.25 -12.40
C LEU A 426 12.19 12.05 -13.27
N PHE A 427 12.36 10.90 -12.67
CA PHE A 427 12.41 9.69 -13.44
C PHE A 427 11.11 9.29 -14.11
N LEU A 428 10.06 9.22 -13.35
CA LEU A 428 8.82 8.80 -13.94
C LEU A 428 8.40 9.80 -14.96
N LEU A 429 8.51 11.07 -14.63
CA LEU A 429 8.15 12.14 -15.53
C LEU A 429 9.01 12.28 -16.76
N LEU A 430 10.29 12.21 -16.61
CA LEU A 430 11.11 12.22 -17.76
C LEU A 430 10.86 10.97 -18.52
N CYS A 431 10.72 9.89 -17.80
CA CYS A 431 10.64 8.58 -18.40
C CYS A 431 9.42 8.43 -19.28
N ALA A 432 8.32 9.04 -18.88
CA ALA A 432 7.13 9.19 -19.68
C ALA A 432 7.32 10.06 -20.89
N ILE A 433 7.98 11.16 -20.72
CA ILE A 433 7.96 12.14 -21.73
C ILE A 433 8.51 11.51 -22.95
N LEU A 434 9.53 10.70 -22.78
CA LEU A 434 10.21 10.13 -23.92
C LEU A 434 9.61 8.82 -24.36
N GLN A 435 8.73 8.28 -23.55
CA GLN A 435 8.06 7.06 -23.92
C GLN A 435 7.29 7.43 -25.11
N HIS A 436 6.80 8.65 -25.06
CA HIS A 436 5.80 9.06 -26.00
C HIS A 436 6.19 10.12 -26.97
N PHE A 437 7.36 10.69 -26.84
CA PHE A 437 7.71 11.81 -27.66
C PHE A 437 9.14 11.83 -28.04
N ASN A 438 9.43 12.60 -29.06
CA ASN A 438 10.79 12.90 -29.39
C ASN A 438 10.93 14.37 -29.21
N LEU A 439 12.12 14.85 -28.90
CA LEU A 439 12.34 16.25 -28.68
C LEU A 439 13.07 16.80 -29.85
N LYS A 440 12.62 17.94 -30.33
CA LYS A 440 13.19 18.59 -31.49
C LYS A 440 13.58 20.00 -31.12
N PRO A 441 14.86 20.35 -31.27
CA PRO A 441 15.36 21.68 -31.00
C PRO A 441 15.04 22.65 -32.07
N LEU A 442 15.03 23.93 -31.77
CA LEU A 442 14.70 24.89 -32.78
C LEU A 442 15.92 25.45 -33.43
N VAL A 443 17.07 25.04 -32.94
CA VAL A 443 18.32 25.47 -33.47
C VAL A 443 19.17 24.27 -33.52
N ASP A 444 20.30 24.36 -34.17
CA ASP A 444 21.17 23.23 -34.28
C ASP A 444 21.63 22.91 -32.90
N PRO A 445 21.75 21.62 -32.63
CA PRO A 445 22.14 21.08 -31.35
C PRO A 445 23.51 21.51 -31.02
N LYS A 446 24.31 21.70 -32.03
CA LYS A 446 25.67 22.05 -31.81
C LYS A 446 25.70 23.38 -31.15
N ASP A 447 24.62 24.12 -31.31
CA ASP A 447 24.61 25.49 -30.90
C ASP A 447 23.95 25.81 -29.58
N ILE A 448 23.53 24.81 -28.85
CA ILE A 448 22.89 25.04 -27.58
C ILE A 448 23.89 25.48 -26.57
N ASP A 449 23.50 26.26 -25.59
CA ASP A 449 24.40 26.61 -24.53
C ASP A 449 23.73 26.21 -23.28
N LEU A 450 24.35 25.33 -22.53
CA LEU A 450 23.76 24.79 -21.36
C LEU A 450 24.13 25.58 -20.17
N SER A 451 24.88 26.62 -20.35
CA SER A 451 25.27 27.42 -19.23
C SER A 451 24.08 28.13 -18.68
N PRO A 452 24.00 28.27 -17.37
CA PRO A 452 22.91 28.96 -16.74
C PRO A 452 22.95 30.44 -17.02
N ILE A 453 21.79 31.05 -17.23
CA ILE A 453 21.74 32.48 -17.38
C ILE A 453 22.01 33.30 -16.15
N HIS A 454 21.58 32.81 -15.01
CA HIS A 454 21.83 33.47 -13.75
C HIS A 454 22.35 32.48 -12.76
N ILE A 455 23.20 32.93 -11.87
CA ILE A 455 23.64 32.14 -10.75
C ILE A 455 23.61 32.88 -9.45
N GLY A 456 22.81 32.41 -8.52
CA GLY A 456 22.77 32.96 -7.20
C GLY A 456 22.31 31.89 -6.27
N PHE A 457 21.06 31.96 -5.88
CA PHE A 457 20.38 31.00 -5.06
C PHE A 457 20.38 29.73 -5.84
N GLY A 458 20.01 29.84 -7.09
CA GLY A 458 19.96 28.69 -7.94
C GLY A 458 20.62 29.00 -9.24
N CYS A 459 20.87 27.99 -10.04
CA CYS A 459 21.43 28.19 -11.33
C CYS A 459 20.35 28.01 -12.28
N ILE A 460 20.10 29.06 -13.04
CA ILE A 460 18.97 29.20 -13.90
C ILE A 460 19.34 28.98 -15.34
N PRO A 461 18.62 28.09 -15.97
CA PRO A 461 18.80 27.75 -17.37
C PRO A 461 18.22 28.75 -18.31
N PRO A 462 18.72 28.72 -19.52
CA PRO A 462 18.30 29.63 -20.57
C PRO A 462 16.93 29.38 -21.14
N ARG A 463 16.27 30.42 -21.61
CA ARG A 463 14.98 30.26 -22.17
C ARG A 463 15.06 29.59 -23.51
N TYR A 464 14.17 28.67 -23.81
CA TYR A 464 14.23 28.00 -25.07
C TYR A 464 12.87 27.58 -25.47
N LYS A 465 12.64 27.33 -26.73
CA LYS A 465 11.38 26.79 -27.22
C LYS A 465 11.72 25.50 -27.93
N LEU A 466 10.81 24.55 -27.96
CA LEU A 466 11.05 23.28 -28.63
C LEU A 466 9.80 22.60 -29.14
N CYS A 467 9.98 21.57 -29.95
CA CYS A 467 8.87 20.84 -30.51
C CYS A 467 8.94 19.41 -30.08
N VAL A 468 7.81 18.84 -29.73
CA VAL A 468 7.75 17.46 -29.31
C VAL A 468 6.93 16.68 -30.27
N ILE A 469 7.50 15.59 -30.76
CA ILE A 469 6.98 14.84 -31.86
C ILE A 469 6.50 13.49 -31.41
N PRO A 470 5.23 13.25 -31.63
CA PRO A 470 4.59 12.09 -31.08
C PRO A 470 5.29 10.86 -31.54
N ARG A 471 4.96 9.75 -30.92
CA ARG A 471 5.46 8.46 -31.33
C ARG A 471 4.31 7.49 -31.49
N SER A 472 3.22 7.98 -32.05
CA SER A 472 2.05 7.18 -32.39
C SER A 472 1.28 7.68 -33.63
N LYS B 10 -12.15 7.40 22.31
CA LYS B 10 -13.03 6.69 23.21
C LYS B 10 -13.47 5.39 22.58
N LEU B 11 -13.14 4.30 23.23
CA LEU B 11 -13.42 3.00 22.70
C LEU B 11 -14.84 2.58 22.88
N PRO B 12 -15.21 1.52 22.21
CA PRO B 12 -16.56 1.02 22.29
C PRO B 12 -16.75 0.43 23.63
N PRO B 13 -17.98 0.29 24.03
CA PRO B 13 -18.30 -0.12 25.38
C PRO B 13 -17.85 -1.51 25.60
N GLY B 14 -17.52 -1.84 26.83
CA GLY B 14 -17.01 -3.15 27.10
C GLY B 14 -17.12 -3.39 28.56
N PRO B 15 -16.95 -4.63 28.95
CA PRO B 15 -16.86 -4.99 30.33
C PRO B 15 -15.50 -4.74 30.85
N PHE B 16 -15.39 -4.52 32.13
CA PHE B 16 -14.15 -4.24 32.79
C PHE B 16 -13.23 -5.40 32.72
N PRO B 17 -11.95 -5.13 32.53
CA PRO B 17 -10.97 -6.15 32.24
C PRO B 17 -10.06 -6.35 33.39
N LEU B 18 -9.66 -7.57 33.62
CA LEU B 18 -8.82 -7.90 34.74
C LEU B 18 -7.39 -7.85 34.30
N PRO B 19 -6.48 -7.99 35.24
CA PRO B 19 -5.08 -7.98 34.91
C PRO B 19 -4.65 -9.32 34.42
N ILE B 20 -3.87 -9.32 33.37
CA ILE B 20 -3.37 -10.51 32.73
C ILE B 20 -4.40 -11.30 31.93
N ILE B 21 -5.42 -11.80 32.58
CA ILE B 21 -6.50 -12.48 31.91
C ILE B 21 -7.35 -11.62 31.03
N GLY B 22 -7.59 -10.41 31.44
CA GLY B 22 -8.54 -9.58 30.74
C GLY B 22 -10.00 -9.90 30.92
N ASN B 23 -10.64 -10.31 29.87
CA ASN B 23 -12.07 -10.52 29.90
C ASN B 23 -12.54 -11.95 29.85
N LEU B 24 -11.67 -12.86 30.17
CA LEU B 24 -11.86 -14.28 30.00
C LEU B 24 -12.98 -14.85 30.85
N PHE B 25 -13.37 -14.12 31.87
CA PHE B 25 -14.49 -14.49 32.67
C PHE B 25 -15.79 -14.25 31.98
N GLN B 26 -15.77 -13.43 30.97
CA GLN B 26 -16.99 -13.10 30.30
C GLN B 26 -17.18 -13.89 29.05
N LEU B 27 -16.32 -14.87 28.86
CA LEU B 27 -16.35 -15.74 27.70
C LEU B 27 -16.51 -17.20 28.04
N GLU B 28 -17.36 -17.92 27.35
CA GLU B 28 -17.38 -19.35 27.53
C GLU B 28 -16.56 -19.97 26.45
N LEU B 29 -15.46 -20.57 26.81
CA LEU B 29 -14.47 -20.98 25.86
C LEU B 29 -14.98 -22.00 24.92
N LYS B 30 -16.01 -22.70 25.30
CA LYS B 30 -16.60 -23.64 24.39
C LYS B 30 -17.78 -23.13 23.65
N ASN B 31 -18.28 -21.94 23.95
CA ASN B 31 -19.24 -21.29 23.11
C ASN B 31 -19.03 -19.84 22.99
N ILE B 32 -17.99 -19.43 22.33
CA ILE B 32 -17.66 -18.05 22.27
C ILE B 32 -18.71 -17.24 21.60
N PRO B 33 -19.25 -17.73 20.52
CA PRO B 33 -20.24 -16.96 19.82
C PRO B 33 -21.39 -16.69 20.71
N LYS B 34 -21.76 -17.62 21.57
CA LYS B 34 -22.87 -17.46 22.48
C LYS B 34 -22.60 -16.37 23.43
N SER B 35 -21.36 -16.25 23.83
CA SER B 35 -20.92 -15.16 24.67
C SER B 35 -20.97 -13.82 24.03
N PHE B 36 -20.59 -13.75 22.78
CA PHE B 36 -20.57 -12.50 22.11
C PHE B 36 -21.98 -12.04 22.11
N THR B 37 -22.89 -12.97 21.93
CA THR B 37 -24.28 -12.61 21.88
C THR B 37 -24.80 -12.06 23.16
N ARG B 38 -24.39 -12.64 24.25
CA ARG B 38 -24.75 -12.19 25.56
C ARG B 38 -24.21 -10.82 25.79
N LEU B 39 -22.99 -10.59 25.40
CA LEU B 39 -22.37 -9.29 25.50
C LEU B 39 -23.00 -8.23 24.63
N ALA B 40 -23.51 -8.61 23.49
CA ALA B 40 -24.12 -7.65 22.61
C ALA B 40 -25.32 -7.08 23.29
N GLN B 41 -25.82 -7.76 24.29
CA GLN B 41 -26.96 -7.26 24.97
C GLN B 41 -26.71 -6.50 26.21
N ARG B 42 -25.52 -6.52 26.76
CA ARG B 42 -25.24 -5.66 27.85
C ARG B 42 -24.80 -4.35 27.26
N PHE B 43 -24.09 -4.42 26.15
CA PHE B 43 -23.41 -3.29 25.56
C PHE B 43 -23.72 -2.92 24.15
N GLY B 44 -24.72 -3.50 23.54
CA GLY B 44 -25.02 -3.09 22.20
C GLY B 44 -24.21 -3.75 21.14
N PRO B 45 -24.34 -3.22 19.94
CA PRO B 45 -23.84 -3.74 18.69
C PRO B 45 -22.36 -3.81 18.53
N VAL B 46 -21.66 -2.82 19.04
CA VAL B 46 -20.23 -2.76 18.98
C VAL B 46 -19.74 -2.75 20.39
N PHE B 47 -18.81 -3.62 20.74
CA PHE B 47 -18.22 -3.62 22.06
C PHE B 47 -16.78 -4.04 22.08
N THR B 48 -16.10 -3.71 23.14
CA THR B 48 -14.68 -3.93 23.23
C THR B 48 -14.37 -4.99 24.23
N LEU B 49 -13.48 -5.89 23.85
CA LEU B 49 -12.95 -6.91 24.74
C LEU B 49 -11.46 -6.87 24.69
N TYR B 50 -10.83 -7.20 25.79
CA TYR B 50 -9.44 -7.57 25.80
C TYR B 50 -9.41 -8.99 26.19
N VAL B 51 -8.93 -9.84 25.34
CA VAL B 51 -8.77 -11.17 25.81
C VAL B 51 -7.33 -11.51 25.67
N GLY B 52 -6.70 -11.83 26.76
CA GLY B 52 -5.29 -11.93 26.75
C GLY B 52 -4.95 -10.50 26.93
N SER B 53 -3.76 -10.11 26.52
CA SER B 53 -3.45 -8.71 26.47
C SER B 53 -4.27 -8.09 25.39
N GLN B 54 -4.54 -8.86 24.35
CA GLN B 54 -5.11 -8.32 23.14
C GLN B 54 -6.49 -7.84 23.28
N ARG B 55 -6.75 -6.77 22.55
CA ARG B 55 -7.97 -6.04 22.58
C ARG B 55 -8.65 -6.30 21.30
N MET B 56 -9.97 -6.45 21.35
CA MET B 56 -10.77 -6.65 20.16
C MET B 56 -12.09 -5.99 20.26
N VAL B 57 -12.67 -5.71 19.10
CA VAL B 57 -14.00 -5.15 18.99
C VAL B 57 -14.82 -6.17 18.27
N VAL B 58 -16.01 -6.42 18.78
CA VAL B 58 -16.86 -7.41 18.22
C VAL B 58 -18.03 -6.66 17.68
N MET B 59 -18.62 -7.15 16.60
CA MET B 59 -19.77 -6.53 16.00
C MET B 59 -20.90 -7.50 15.83
N HIS B 60 -22.06 -7.16 16.34
CA HIS B 60 -23.19 -8.05 16.36
C HIS B 60 -24.34 -7.46 15.58
N GLY B 61 -24.91 -8.25 14.69
CA GLY B 61 -26.06 -7.77 13.97
C GLY B 61 -25.72 -7.32 12.60
N TYR B 62 -26.68 -7.39 11.72
CA TYR B 62 -26.44 -7.12 10.35
C TYR B 62 -26.06 -5.70 10.07
N LYS B 63 -26.73 -4.75 10.66
CA LYS B 63 -26.44 -3.39 10.34
C LYS B 63 -25.03 -3.11 10.74
N ALA B 64 -24.70 -3.48 11.95
CA ALA B 64 -23.34 -3.35 12.46
C ALA B 64 -22.30 -4.20 11.78
N VAL B 65 -22.59 -5.46 11.57
CA VAL B 65 -21.59 -6.30 10.98
C VAL B 65 -21.27 -5.87 9.61
N LYS B 66 -22.25 -5.35 8.93
CA LYS B 66 -22.07 -4.88 7.58
C LYS B 66 -21.22 -3.66 7.46
N GLU B 67 -21.44 -2.72 8.34
CA GLU B 67 -20.87 -1.43 8.18
C GLU B 67 -19.40 -1.60 8.16
N ALA B 68 -18.93 -2.45 9.03
CA ALA B 68 -17.54 -2.75 9.11
C ALA B 68 -17.00 -3.46 7.92
N LEU B 69 -17.67 -4.51 7.52
CA LEU B 69 -17.20 -5.28 6.42
C LEU B 69 -17.23 -4.53 5.13
N LEU B 70 -18.23 -3.72 4.96
CA LEU B 70 -18.35 -3.03 3.70
C LEU B 70 -17.99 -1.58 3.71
N ASP B 71 -18.24 -0.88 4.79
CA ASP B 71 -17.98 0.53 4.74
C ASP B 71 -16.58 0.90 5.12
N TYR B 72 -15.85 -0.07 5.64
CA TYR B 72 -14.49 0.15 6.00
C TYR B 72 -13.69 -0.96 5.41
N LYS B 73 -13.72 -1.01 4.10
CA LYS B 73 -13.04 -2.06 3.39
C LYS B 73 -11.56 -1.99 3.64
N ASP B 74 -10.98 -0.80 3.65
CA ASP B 74 -9.54 -0.77 3.89
C ASP B 74 -9.12 -0.41 5.28
N GLU B 75 -10.02 0.00 6.13
CA GLU B 75 -9.72 0.05 7.54
C GLU B 75 -9.57 -1.32 8.20
N PHE B 76 -10.45 -2.24 7.82
CA PHE B 76 -10.63 -3.50 8.48
C PHE B 76 -10.31 -4.61 7.53
N SER B 77 -9.40 -4.34 6.62
CA SER B 77 -9.07 -5.31 5.62
C SER B 77 -7.88 -6.14 6.00
N GLY B 78 -7.40 -5.95 7.21
CA GLY B 78 -6.32 -6.74 7.78
C GLY B 78 -6.70 -8.07 8.34
N ARG B 79 -5.75 -8.85 8.82
CA ARG B 79 -6.03 -10.16 9.40
C ARG B 79 -5.36 -10.37 10.73
N GLY B 80 -6.10 -10.79 11.73
CA GLY B 80 -5.55 -11.09 13.03
C GLY B 80 -4.79 -12.37 13.03
N ASP B 81 -3.96 -12.57 14.03
CA ASP B 81 -3.18 -13.76 14.11
C ASP B 81 -3.99 -14.88 14.63
N LEU B 82 -3.70 -16.06 14.11
CA LEU B 82 -4.13 -17.29 14.68
C LEU B 82 -2.88 -18.11 14.87
N PRO B 83 -2.46 -18.25 16.10
CA PRO B 83 -1.19 -18.85 16.44
C PRO B 83 -1.00 -20.30 16.02
N ALA B 84 -2.05 -21.05 15.88
CA ALA B 84 -1.90 -22.45 15.61
C ALA B 84 -1.31 -22.46 14.25
N PHE B 85 -1.24 -21.31 13.66
CA PHE B 85 -0.90 -21.21 12.27
C PHE B 85 0.26 -20.29 12.01
N HIS B 86 1.32 -20.37 12.79
CA HIS B 86 2.45 -19.53 12.50
C HIS B 86 3.00 -19.90 11.16
N ALA B 87 2.98 -21.16 10.85
CA ALA B 87 3.66 -21.66 9.70
C ALA B 87 3.09 -21.05 8.46
N HIS B 88 1.95 -20.41 8.58
CA HIS B 88 1.30 -19.82 7.43
C HIS B 88 1.31 -18.32 7.45
N ARG B 89 1.76 -17.73 8.53
CA ARG B 89 1.50 -16.34 8.77
C ARG B 89 2.16 -15.40 7.83
N ASP B 90 1.38 -14.45 7.36
CA ASP B 90 1.83 -13.32 6.60
C ASP B 90 2.44 -13.76 5.33
N ARG B 91 2.02 -14.92 4.88
CA ARG B 91 2.27 -15.38 3.55
C ARG B 91 1.02 -16.06 3.16
N GLY B 92 0.86 -16.36 1.89
CA GLY B 92 -0.34 -17.02 1.43
C GLY B 92 -1.47 -16.04 1.36
N ILE B 93 -2.70 -16.53 1.40
CA ILE B 93 -3.78 -15.60 1.50
C ILE B 93 -4.55 -15.54 2.85
N ILE B 94 -4.98 -16.65 3.41
CA ILE B 94 -5.86 -16.58 4.54
C ILE B 94 -5.24 -15.90 5.73
N PHE B 95 -4.00 -16.20 6.00
CA PHE B 95 -3.35 -15.75 7.21
C PHE B 95 -2.39 -14.64 6.94
N ASN B 96 -2.56 -13.98 5.81
CA ASN B 96 -1.69 -12.91 5.41
C ASN B 96 -2.20 -11.56 5.82
N ASN B 97 -1.41 -10.92 6.64
CA ASN B 97 -1.69 -9.63 7.20
C ASN B 97 -0.58 -8.69 6.78
N GLY B 98 0.04 -9.02 5.66
CA GLY B 98 1.22 -8.37 5.16
C GLY B 98 1.04 -7.85 3.75
N PRO B 99 2.07 -7.17 3.28
CA PRO B 99 2.09 -6.49 2.00
C PRO B 99 1.94 -7.42 0.82
N THR B 100 2.23 -8.68 1.03
CA THR B 100 2.01 -9.67 0.03
C THR B 100 0.55 -9.96 -0.24
N TRP B 101 -0.32 -9.69 0.70
CA TRP B 101 -1.63 -10.26 0.58
C TRP B 101 -2.40 -9.80 -0.64
N LYS B 102 -2.51 -8.51 -0.84
CA LYS B 102 -3.44 -8.05 -1.83
C LYS B 102 -3.10 -8.56 -3.17
N ASP B 103 -1.83 -8.48 -3.51
CA ASP B 103 -1.35 -8.94 -4.79
C ASP B 103 -1.48 -10.43 -5.00
N ILE B 104 -1.08 -11.22 -4.02
CA ILE B 104 -1.23 -12.65 -4.13
C ILE B 104 -2.66 -13.11 -4.22
N ARG B 105 -3.55 -12.47 -3.47
CA ARG B 105 -4.93 -12.87 -3.51
C ARG B 105 -5.52 -12.63 -4.85
N ARG B 106 -5.19 -11.49 -5.41
CA ARG B 106 -5.81 -11.03 -6.62
C ARG B 106 -5.55 -11.91 -7.79
N PHE B 107 -4.31 -12.30 -7.94
CA PHE B 107 -3.93 -13.19 -8.99
C PHE B 107 -4.53 -14.54 -8.82
N SER B 108 -4.51 -15.01 -7.59
CA SER B 108 -5.06 -16.29 -7.26
C SER B 108 -6.50 -16.28 -7.58
N LEU B 109 -7.13 -15.14 -7.36
CA LEU B 109 -8.52 -15.03 -7.69
C LEU B 109 -8.68 -15.20 -9.14
N THR B 110 -7.85 -14.54 -9.93
CA THR B 110 -7.97 -14.63 -11.37
C THR B 110 -7.70 -16.03 -11.85
N THR B 111 -6.72 -16.68 -11.25
CA THR B 111 -6.36 -18.02 -11.69
C THR B 111 -7.51 -18.98 -11.54
N LEU B 112 -8.24 -18.81 -10.47
CA LEU B 112 -9.37 -19.66 -10.17
C LEU B 112 -10.43 -19.53 -11.23
N ARG B 113 -10.50 -18.36 -11.83
CA ARG B 113 -11.42 -18.14 -12.92
C ARG B 113 -10.92 -18.56 -14.31
N ASN B 114 -9.62 -18.64 -14.52
CA ASN B 114 -9.13 -19.17 -15.77
C ASN B 114 -9.39 -20.67 -15.85
N TYR B 115 -9.60 -21.28 -14.70
CA TYR B 115 -9.81 -22.70 -14.62
C TYR B 115 -11.25 -22.86 -14.29
N GLY B 116 -11.72 -21.98 -13.44
CA GLY B 116 -13.11 -22.03 -13.09
C GLY B 116 -13.92 -21.36 -14.13
N MET B 117 -14.99 -21.97 -14.55
CA MET B 117 -15.81 -21.36 -15.55
C MET B 117 -15.14 -20.97 -16.86
N GLY B 118 -14.41 -21.93 -17.39
CA GLY B 118 -13.98 -21.93 -18.75
C GLY B 118 -15.10 -22.78 -19.33
N LYS B 119 -16.09 -23.04 -18.47
CA LYS B 119 -17.26 -23.87 -18.71
C LYS B 119 -16.73 -25.29 -18.54
N GLN B 120 -15.40 -25.37 -18.52
CA GLN B 120 -14.66 -26.59 -18.30
C GLN B 120 -14.45 -26.42 -16.85
N GLY B 121 -15.14 -27.21 -16.08
CA GLY B 121 -15.07 -27.03 -14.66
C GLY B 121 -15.73 -25.69 -14.67
N ASN B 122 -15.96 -25.15 -13.50
CA ASN B 122 -15.78 -25.97 -12.38
C ASN B 122 -16.97 -26.86 -12.55
N GLU B 123 -17.91 -26.48 -13.41
CA GLU B 123 -19.14 -27.23 -13.46
C GLU B 123 -18.98 -28.63 -13.92
N SER B 124 -18.19 -28.85 -14.96
CA SER B 124 -17.90 -30.21 -15.35
C SER B 124 -17.04 -30.91 -14.34
N ARG B 125 -16.15 -30.16 -13.74
CA ARG B 125 -15.17 -30.75 -12.86
C ARG B 125 -15.89 -31.39 -11.71
N ILE B 126 -16.86 -30.70 -11.15
CA ILE B 126 -17.69 -31.29 -10.14
C ILE B 126 -18.47 -32.42 -10.73
N GLN B 127 -18.97 -32.22 -11.93
CA GLN B 127 -19.79 -33.22 -12.56
C GLN B 127 -18.96 -34.45 -12.72
N ARG B 128 -17.71 -34.27 -13.05
CA ARG B 128 -16.84 -35.39 -13.25
C ARG B 128 -16.66 -36.18 -11.99
N GLU B 129 -16.47 -35.48 -10.89
CA GLU B 129 -16.34 -36.12 -9.61
C GLU B 129 -17.56 -36.85 -9.15
N ALA B 130 -18.72 -36.32 -9.44
CA ALA B 130 -19.88 -36.85 -8.80
C ALA B 130 -19.84 -38.27 -9.16
N HIS B 131 -19.33 -38.53 -10.34
CA HIS B 131 -19.46 -39.84 -10.84
C HIS B 131 -18.75 -40.73 -9.90
N PHE B 132 -17.66 -40.26 -9.37
CA PHE B 132 -16.92 -41.04 -8.42
C PHE B 132 -17.60 -41.25 -7.10
N LEU B 133 -18.26 -40.22 -6.61
CA LEU B 133 -18.95 -40.30 -5.36
C LEU B 133 -20.06 -41.30 -5.44
N LEU B 134 -20.77 -41.33 -6.54
CA LEU B 134 -21.86 -42.26 -6.62
C LEU B 134 -21.36 -43.67 -6.54
N GLU B 135 -20.25 -43.94 -7.20
CA GLU B 135 -19.75 -45.27 -7.29
C GLU B 135 -19.42 -45.69 -5.91
N ALA B 136 -18.70 -44.85 -5.21
CA ALA B 136 -18.30 -45.16 -3.86
C ALA B 136 -19.53 -45.28 -3.07
N LEU B 137 -20.49 -44.41 -3.31
CA LEU B 137 -21.70 -44.45 -2.54
C LEU B 137 -22.45 -45.70 -2.79
N ARG B 138 -22.36 -46.21 -3.99
CA ARG B 138 -22.99 -47.47 -4.32
C ARG B 138 -22.34 -48.59 -3.61
N LYS B 139 -21.03 -48.54 -3.51
CA LYS B 139 -20.25 -49.64 -3.00
C LYS B 139 -20.49 -49.89 -1.56
N THR B 140 -21.17 -48.98 -0.91
CA THR B 140 -21.56 -49.19 0.46
C THR B 140 -22.63 -50.26 0.58
N GLN B 141 -23.36 -50.48 -0.50
CA GLN B 141 -24.38 -51.50 -0.53
C GLN B 141 -25.39 -51.37 0.58
N GLY B 142 -25.88 -50.19 0.81
CA GLY B 142 -26.93 -50.01 1.78
C GLY B 142 -26.60 -50.56 3.14
N GLN B 143 -25.37 -50.39 3.58
CA GLN B 143 -24.98 -50.78 4.91
C GLN B 143 -24.40 -49.53 5.50
N PRO B 144 -24.38 -49.43 6.80
CA PRO B 144 -23.95 -48.22 7.46
C PRO B 144 -22.52 -47.85 7.22
N PHE B 145 -22.27 -46.55 7.11
CA PHE B 145 -20.95 -46.03 6.92
C PHE B 145 -20.79 -44.67 7.57
N ASP B 146 -19.58 -44.20 7.71
CA ASP B 146 -19.33 -42.87 8.22
C ASP B 146 -19.01 -42.06 7.01
N PRO B 147 -19.80 -41.05 6.73
CA PRO B 147 -19.69 -40.27 5.53
C PRO B 147 -18.49 -39.40 5.52
N THR B 148 -17.85 -39.27 6.65
CA THR B 148 -16.95 -38.18 6.83
C THR B 148 -15.90 -38.24 5.79
N PHE B 149 -15.39 -39.42 5.53
CA PHE B 149 -14.32 -39.55 4.59
C PHE B 149 -14.73 -40.08 3.24
N LEU B 150 -16.03 -40.20 3.02
CA LEU B 150 -16.49 -40.52 1.69
C LEU B 150 -16.94 -39.26 0.99
N ILE B 151 -17.72 -38.49 1.70
CA ILE B 151 -18.21 -37.22 1.27
C ILE B 151 -17.09 -36.27 1.08
N GLY B 152 -16.08 -36.43 1.91
CA GLY B 152 -14.93 -35.55 1.99
C GLY B 152 -14.13 -35.54 0.74
N CYS B 153 -14.13 -36.67 0.09
CA CYS B 153 -13.33 -36.89 -1.07
C CYS B 153 -13.68 -36.03 -2.21
N ALA B 154 -14.95 -35.81 -2.43
CA ALA B 154 -15.32 -35.14 -3.63
C ALA B 154 -14.76 -33.76 -3.69
N PRO B 155 -14.91 -32.99 -2.65
CA PRO B 155 -14.33 -31.67 -2.60
C PRO B 155 -12.82 -31.65 -2.60
N CYS B 156 -12.20 -32.61 -1.95
CA CYS B 156 -10.75 -32.74 -1.93
C CYS B 156 -10.17 -33.03 -3.30
N ASN B 157 -10.82 -33.90 -4.04
CA ASN B 157 -10.41 -34.16 -5.40
C ASN B 157 -10.59 -33.00 -6.33
N VAL B 158 -11.71 -32.34 -6.23
CA VAL B 158 -11.96 -31.22 -7.12
C VAL B 158 -11.06 -30.04 -6.96
N ILE B 159 -10.76 -29.70 -5.73
CA ILE B 159 -9.78 -28.69 -5.41
C ILE B 159 -8.46 -29.22 -5.76
N ALA B 160 -8.31 -30.51 -5.64
CA ALA B 160 -7.07 -31.15 -5.99
C ALA B 160 -6.77 -31.10 -7.46
N ASP B 161 -7.75 -31.26 -8.31
CA ASP B 161 -7.45 -31.16 -9.71
C ASP B 161 -6.99 -29.80 -10.10
N ILE B 162 -7.64 -28.77 -9.57
CA ILE B 162 -7.28 -27.41 -9.89
C ILE B 162 -5.90 -27.05 -9.45
N LEU B 163 -5.63 -27.48 -8.24
CA LEU B 163 -4.39 -27.24 -7.56
C LEU B 163 -3.18 -27.97 -8.06
N PHE B 164 -3.34 -29.26 -8.34
CA PHE B 164 -2.26 -30.14 -8.76
C PHE B 164 -2.51 -30.94 -10.03
N ARG B 165 -3.61 -30.70 -10.70
CA ARG B 165 -3.91 -31.47 -11.87
C ARG B 165 -3.83 -32.90 -11.47
N LYS B 166 -4.26 -33.20 -10.27
CA LYS B 166 -4.17 -34.54 -9.73
C LYS B 166 -5.49 -35.13 -9.40
N HIS B 167 -5.53 -36.44 -9.31
CA HIS B 167 -6.72 -37.13 -8.88
C HIS B 167 -6.31 -38.17 -7.88
N PHE B 168 -7.11 -38.37 -6.87
CA PHE B 168 -6.76 -39.31 -5.84
C PHE B 168 -7.85 -40.31 -5.86
N ASP B 169 -7.56 -41.47 -5.33
CA ASP B 169 -8.55 -42.49 -5.30
C ASP B 169 -8.99 -42.70 -3.90
N TYR B 170 -10.27 -42.97 -3.74
CA TYR B 170 -10.98 -42.77 -2.51
C TYR B 170 -10.43 -43.60 -1.39
N ASN B 171 -9.63 -44.58 -1.74
CA ASN B 171 -9.02 -45.42 -0.75
C ASN B 171 -7.53 -45.32 -0.65
N ASP B 172 -6.95 -44.36 -1.33
CA ASP B 172 -5.51 -44.22 -1.36
C ASP B 172 -5.00 -43.64 -0.06
N GLU B 173 -4.02 -44.26 0.55
CA GLU B 173 -3.75 -43.95 1.94
C GLU B 173 -3.36 -42.54 2.25
N LYS B 174 -2.53 -41.94 1.44
CA LYS B 174 -2.10 -40.59 1.71
C LYS B 174 -3.29 -39.64 1.66
N PHE B 175 -4.16 -39.87 0.70
CA PHE B 175 -5.28 -39.01 0.42
C PHE B 175 -6.20 -38.93 1.61
N LEU B 176 -6.42 -40.06 2.24
CA LEU B 176 -7.21 -40.13 3.42
C LEU B 176 -6.53 -39.35 4.47
N ARG B 177 -5.22 -39.48 4.51
CA ARG B 177 -4.42 -38.89 5.54
C ARG B 177 -4.47 -37.38 5.53
N LEU B 178 -4.50 -36.78 4.37
CA LEU B 178 -4.62 -35.34 4.30
C LEU B 178 -5.94 -34.97 4.81
N MET B 179 -6.91 -35.73 4.41
CA MET B 179 -8.24 -35.40 4.80
C MET B 179 -8.38 -35.49 6.28
N TYR B 180 -7.70 -36.44 6.87
CA TYR B 180 -7.80 -36.67 8.28
C TYR B 180 -7.30 -35.54 9.08
N LEU B 181 -6.18 -34.99 8.66
CA LEU B 181 -5.61 -33.88 9.36
C LEU B 181 -6.50 -32.71 9.27
N PHE B 182 -7.09 -32.50 8.11
CA PHE B 182 -7.95 -31.37 7.94
C PHE B 182 -9.11 -31.51 8.87
N ASN B 183 -9.62 -32.70 8.99
CA ASN B 183 -10.69 -32.96 9.88
C ASN B 183 -10.30 -32.79 11.31
N GLU B 184 -9.17 -33.32 11.70
CA GLU B 184 -8.76 -33.21 13.06
C GLU B 184 -8.51 -31.78 13.43
N ASN B 185 -7.87 -31.02 12.57
CA ASN B 185 -7.56 -29.65 12.91
C ASN B 185 -8.75 -28.80 13.10
N PHE B 186 -9.72 -28.97 12.24
CA PHE B 186 -10.96 -28.27 12.33
C PHE B 186 -11.69 -28.66 13.57
N HIS B 187 -11.59 -29.91 13.92
CA HIS B 187 -12.21 -30.38 15.14
C HIS B 187 -11.55 -29.71 16.28
N LEU B 188 -10.24 -29.78 16.32
CA LEU B 188 -9.51 -29.24 17.44
C LEU B 188 -9.65 -27.77 17.54
N LEU B 189 -9.74 -27.11 16.42
CA LEU B 189 -9.76 -25.68 16.41
C LEU B 189 -10.99 -25.13 17.06
N SER B 190 -11.99 -25.97 17.24
CA SER B 190 -13.21 -25.56 17.88
C SER B 190 -13.32 -26.03 19.32
N THR B 191 -12.30 -26.66 19.85
CA THR B 191 -12.29 -27.00 21.24
C THR B 191 -11.87 -25.83 22.09
N PRO B 192 -12.18 -25.85 23.37
CA PRO B 192 -11.80 -24.77 24.25
C PRO B 192 -10.31 -24.55 24.37
N TRP B 193 -9.51 -25.58 24.46
CA TRP B 193 -8.11 -25.39 24.73
C TRP B 193 -7.46 -24.60 23.65
N LEU B 194 -7.89 -24.75 22.44
CA LEU B 194 -7.37 -23.96 21.36
C LEU B 194 -7.74 -22.50 21.47
N GLN B 195 -8.94 -22.21 21.89
CA GLN B 195 -9.42 -20.86 21.94
C GLN B 195 -8.59 -20.11 22.93
N LEU B 196 -8.19 -20.77 23.98
CA LEU B 196 -7.33 -20.17 24.94
C LEU B 196 -5.97 -19.96 24.36
N TYR B 197 -5.47 -20.95 23.68
CA TYR B 197 -4.16 -20.85 23.12
C TYR B 197 -4.13 -19.79 22.11
N ASN B 198 -5.13 -19.74 21.27
CA ASN B 198 -5.00 -18.82 20.22
C ASN B 198 -4.83 -17.49 20.89
N ASN B 199 -5.53 -17.24 21.97
CA ASN B 199 -5.31 -16.05 22.79
C ASN B 199 -4.08 -15.85 23.67
N PHE B 200 -3.57 -16.93 24.25
CA PHE B 200 -2.51 -16.81 25.20
C PHE B 200 -1.41 -17.71 24.77
N PRO B 201 -0.93 -17.50 23.57
CA PRO B 201 0.06 -18.34 22.93
C PRO B 201 1.41 -18.43 23.55
N SER B 202 1.94 -17.31 24.00
CA SER B 202 3.25 -17.27 24.58
C SER B 202 3.29 -18.04 25.86
N PHE B 203 2.20 -17.97 26.61
CA PHE B 203 2.00 -18.69 27.82
C PHE B 203 1.85 -20.17 27.75
N LEU B 204 1.02 -20.64 26.86
CA LEU B 204 0.64 -22.04 26.81
C LEU B 204 1.49 -22.85 25.88
N HIS B 205 2.25 -22.19 25.06
CA HIS B 205 2.80 -22.82 23.89
C HIS B 205 3.69 -23.98 24.18
N TYR B 206 4.40 -23.95 25.27
CA TYR B 206 5.38 -24.99 25.47
C TYR B 206 5.00 -25.94 26.56
N LEU B 207 3.72 -26.10 26.75
CA LEU B 207 3.20 -27.04 27.73
C LEU B 207 2.48 -28.11 26.96
N PRO B 208 2.31 -29.27 27.51
CA PRO B 208 1.64 -30.30 26.76
C PRO B 208 0.25 -29.84 26.50
N GLY B 209 -0.28 -30.09 25.33
CA GLY B 209 -1.60 -29.64 25.04
C GLY B 209 -1.90 -30.10 23.66
N SER B 210 -3.13 -29.93 23.23
CA SER B 210 -3.56 -30.35 21.94
C SER B 210 -3.27 -29.29 20.94
N HIS B 211 -2.74 -28.19 21.40
CA HIS B 211 -2.30 -27.18 20.50
C HIS B 211 -1.18 -27.73 19.65
N ARG B 212 -0.43 -28.64 20.21
CA ARG B 212 0.68 -29.26 19.53
C ARG B 212 0.24 -30.07 18.39
N LYS B 213 -0.80 -30.83 18.58
CA LYS B 213 -1.25 -31.69 17.54
C LYS B 213 -1.63 -30.82 16.39
N VAL B 214 -2.30 -29.73 16.65
CA VAL B 214 -2.71 -28.88 15.56
C VAL B 214 -1.54 -28.32 14.83
N ILE B 215 -0.56 -27.85 15.54
CA ILE B 215 0.64 -27.35 14.92
C ILE B 215 1.40 -28.39 14.15
N LYS B 216 1.57 -29.57 14.73
CA LYS B 216 2.26 -30.66 14.08
C LYS B 216 1.55 -31.10 12.84
N ASN B 217 0.24 -31.15 12.91
CA ASN B 217 -0.61 -31.40 11.77
C ASN B 217 -0.49 -30.31 10.72
N VAL B 218 -0.40 -29.07 11.13
CA VAL B 218 -0.34 -28.04 10.12
C VAL B 218 0.89 -28.19 9.30
N ALA B 219 1.98 -28.44 9.97
CA ALA B 219 3.25 -28.60 9.32
C ALA B 219 3.35 -29.79 8.39
N GLU B 220 2.75 -30.90 8.77
CA GLU B 220 2.72 -32.10 7.96
C GLU B 220 1.99 -31.80 6.70
N VAL B 221 0.96 -31.01 6.80
CA VAL B 221 0.29 -30.62 5.61
C VAL B 221 1.19 -29.80 4.76
N LYS B 222 1.99 -28.94 5.35
CA LYS B 222 2.88 -28.13 4.55
C LYS B 222 3.92 -28.97 3.84
N GLU B 223 4.43 -29.99 4.52
CA GLU B 223 5.40 -30.85 3.90
C GLU B 223 4.83 -31.56 2.68
N TYR B 224 3.60 -32.03 2.74
CA TYR B 224 3.03 -32.62 1.55
C TYR B 224 2.86 -31.64 0.43
N VAL B 225 2.33 -30.49 0.72
CA VAL B 225 2.22 -29.49 -0.29
C VAL B 225 3.56 -29.04 -0.72
N SER B 226 4.51 -29.03 0.19
CA SER B 226 5.82 -28.55 -0.19
C SER B 226 6.39 -29.44 -1.22
N GLU B 227 6.22 -30.72 -1.06
CA GLU B 227 6.75 -31.63 -2.02
C GLU B 227 6.09 -31.49 -3.36
N ARG B 228 4.78 -31.37 -3.38
CA ARG B 228 4.08 -31.28 -4.63
C ARG B 228 4.51 -30.07 -5.40
N VAL B 229 4.81 -29.00 -4.73
CA VAL B 229 5.24 -27.80 -5.41
C VAL B 229 6.57 -27.97 -6.16
N LYS B 230 7.56 -28.58 -5.54
CA LYS B 230 8.77 -28.74 -6.28
C LYS B 230 8.55 -29.65 -7.44
N GLU B 231 7.91 -30.78 -7.19
CA GLU B 231 7.81 -31.75 -8.24
C GLU B 231 7.34 -30.94 -9.41
N HIS B 232 6.52 -29.94 -9.14
CA HIS B 232 6.07 -29.09 -10.21
C HIS B 232 7.16 -28.25 -10.81
N HIS B 233 7.94 -27.60 -9.98
CA HIS B 233 8.91 -26.63 -10.48
C HIS B 233 9.96 -27.27 -11.36
N GLN B 234 10.59 -28.33 -10.88
CA GLN B 234 11.60 -28.99 -11.68
C GLN B 234 11.06 -29.68 -12.94
N SER B 235 9.81 -30.09 -12.92
CA SER B 235 9.23 -30.69 -14.11
C SER B 235 8.48 -29.66 -14.92
N LEU B 236 8.59 -28.43 -14.52
CA LEU B 236 7.75 -27.40 -15.03
C LEU B 236 8.00 -27.06 -16.47
N ASP B 237 6.94 -26.72 -17.19
CA ASP B 237 7.04 -26.05 -18.47
C ASP B 237 6.21 -24.77 -18.38
N PRO B 238 6.86 -23.64 -18.58
CA PRO B 238 6.24 -22.33 -18.48
C PRO B 238 5.19 -21.97 -19.49
N ASN B 239 5.42 -22.32 -20.75
CA ASN B 239 4.50 -21.95 -21.79
C ASN B 239 3.18 -22.59 -21.54
N CYS B 240 3.23 -23.77 -20.97
CA CYS B 240 2.06 -24.62 -20.85
C CYS B 240 1.82 -25.26 -19.48
N PRO B 241 1.36 -24.46 -18.51
CA PRO B 241 1.05 -24.92 -17.17
C PRO B 241 -0.24 -25.72 -17.03
N ARG B 242 -0.17 -26.78 -16.23
CA ARG B 242 -1.23 -27.76 -16.11
C ARG B 242 -2.29 -27.46 -15.07
N ASP B 243 -2.03 -26.50 -14.22
CA ASP B 243 -2.84 -26.32 -13.05
C ASP B 243 -2.52 -25.01 -12.43
N LEU B 244 -3.24 -24.67 -11.38
CA LEU B 244 -3.00 -23.40 -10.72
C LEU B 244 -1.63 -23.30 -10.09
N THR B 245 -1.13 -24.37 -9.51
CA THR B 245 0.15 -24.29 -8.87
C THR B 245 1.11 -23.89 -9.92
N ASP B 246 0.90 -24.42 -11.11
CA ASP B 246 1.80 -24.12 -12.18
C ASP B 246 1.83 -22.63 -12.35
N CYS B 247 0.66 -22.03 -12.42
CA CYS B 247 0.56 -20.64 -12.78
C CYS B 247 1.34 -19.91 -11.75
N LEU B 248 1.35 -20.46 -10.56
CA LEU B 248 2.15 -19.90 -9.50
C LEU B 248 3.65 -20.00 -9.73
N LEU B 249 4.13 -21.11 -10.22
CA LEU B 249 5.55 -21.22 -10.43
C LEU B 249 5.98 -20.20 -11.46
N VAL B 250 5.19 -20.05 -12.49
CA VAL B 250 5.53 -19.15 -13.56
C VAL B 250 5.63 -17.75 -13.03
N GLU B 251 4.80 -17.20 -12.26
CA GLU B 251 4.80 -15.84 -11.73
C GLU B 251 6.04 -15.54 -10.87
N MET B 252 6.55 -16.60 -10.27
CA MET B 252 7.83 -16.61 -9.59
C MET B 252 9.01 -16.49 -10.49
N GLU B 253 8.93 -17.15 -11.64
CA GLU B 253 9.97 -17.06 -12.63
C GLU B 253 10.08 -15.68 -13.22
N LYS B 254 8.95 -15.06 -13.50
CA LYS B 254 8.94 -13.82 -14.25
C LYS B 254 9.61 -12.76 -13.46
N GLU B 255 9.81 -13.01 -12.20
CA GLU B 255 10.30 -11.98 -11.30
C GLU B 255 11.63 -12.34 -10.62
N LYS B 256 12.40 -13.21 -11.28
CA LYS B 256 13.78 -13.55 -10.87
C LYS B 256 14.68 -12.32 -10.65
N HIS B 257 14.71 -11.44 -11.66
CA HIS B 257 15.56 -10.24 -11.70
C HIS B 257 15.13 -9.15 -10.70
N SER B 258 13.87 -9.19 -10.29
CA SER B 258 13.34 -8.19 -9.37
C SER B 258 14.08 -8.20 -8.04
N ALA B 259 14.20 -7.03 -7.42
CA ALA B 259 14.88 -6.90 -6.14
C ALA B 259 13.95 -7.30 -4.99
N GLU B 260 12.68 -6.96 -5.12
CA GLU B 260 11.70 -7.28 -4.12
C GLU B 260 10.72 -8.24 -4.72
N ARG B 261 10.79 -9.48 -4.24
CA ARG B 261 10.06 -10.56 -4.85
C ARG B 261 8.79 -10.68 -4.06
N LEU B 262 7.72 -11.03 -4.74
CA LEU B 262 6.49 -11.27 -4.06
C LEU B 262 6.37 -12.73 -3.77
N TYR B 263 6.70 -13.54 -4.75
CA TYR B 263 6.55 -14.96 -4.62
C TYR B 263 7.79 -15.68 -4.15
N THR B 264 7.81 -16.08 -2.89
CA THR B 264 8.81 -16.98 -2.41
C THR B 264 8.37 -18.38 -2.66
N MET B 265 9.31 -19.30 -2.65
CA MET B 265 8.98 -20.68 -2.76
C MET B 265 8.16 -21.06 -1.57
N ASP B 266 8.53 -20.55 -0.42
CA ASP B 266 7.81 -20.90 0.77
C ASP B 266 6.43 -20.37 0.64
N GLY B 267 6.29 -19.21 0.07
CA GLY B 267 5.00 -18.62 0.08
C GLY B 267 4.09 -19.53 -0.68
N ILE B 268 4.53 -20.02 -1.82
CA ILE B 268 3.62 -20.72 -2.70
C ILE B 268 3.03 -21.96 -2.11
N THR B 269 3.78 -22.66 -1.29
CA THR B 269 3.25 -23.79 -0.57
C THR B 269 2.18 -23.35 0.36
N VAL B 270 2.42 -22.25 1.05
CA VAL B 270 1.41 -21.75 1.94
C VAL B 270 0.19 -21.34 1.17
N THR B 271 0.33 -20.65 0.06
CA THR B 271 -0.83 -20.22 -0.69
C THR B 271 -1.63 -21.41 -1.15
N VAL B 272 -0.96 -22.39 -1.68
CA VAL B 272 -1.59 -23.61 -2.06
C VAL B 272 -2.15 -24.36 -0.90
N ALA B 273 -1.46 -24.33 0.23
CA ALA B 273 -1.95 -25.05 1.38
C ALA B 273 -3.25 -24.48 1.82
N ASP B 274 -3.36 -23.18 1.79
CA ASP B 274 -4.55 -22.56 2.25
C ASP B 274 -5.67 -23.02 1.39
N LEU B 275 -5.51 -22.93 0.11
CA LEU B 275 -6.58 -23.38 -0.72
C LEU B 275 -6.82 -24.84 -0.46
N PHE B 276 -5.77 -25.61 -0.24
CA PHE B 276 -6.00 -27.04 -0.16
C PHE B 276 -6.86 -27.44 1.00
N PHE B 277 -6.50 -27.07 2.20
CA PHE B 277 -7.36 -27.39 3.32
C PHE B 277 -8.68 -26.67 3.34
N ALA B 278 -8.74 -25.43 2.97
CA ALA B 278 -10.00 -24.82 3.09
C ALA B 278 -10.91 -25.56 2.22
N GLY B 279 -10.48 -25.72 0.99
CA GLY B 279 -11.38 -26.10 -0.06
C GLY B 279 -11.99 -27.42 0.20
N THR B 280 -11.21 -28.33 0.70
CA THR B 280 -11.75 -29.58 1.09
C THR B 280 -12.64 -29.56 2.31
N GLU B 281 -12.12 -29.07 3.41
CA GLU B 281 -12.80 -29.17 4.68
C GLU B 281 -14.06 -28.41 4.91
N THR B 282 -14.12 -27.19 4.47
CA THR B 282 -15.31 -26.41 4.66
C THR B 282 -16.50 -26.92 3.92
N THR B 283 -16.31 -27.23 2.66
CA THR B 283 -17.33 -27.84 1.84
C THR B 283 -17.75 -29.21 2.25
N SER B 284 -16.82 -30.03 2.67
CA SER B 284 -17.10 -31.34 3.17
C SER B 284 -17.94 -31.30 4.43
N THR B 285 -17.58 -30.42 5.31
CA THR B 285 -18.27 -30.33 6.55
C THR B 285 -19.66 -29.91 6.32
N THR B 286 -19.87 -28.98 5.43
CA THR B 286 -21.19 -28.45 5.17
C THR B 286 -22.13 -29.50 4.64
N LEU B 287 -21.65 -30.33 3.74
CA LEU B 287 -22.45 -31.38 3.16
C LEU B 287 -22.85 -32.45 4.11
N ARG B 288 -21.92 -32.85 4.92
CA ARG B 288 -22.13 -33.90 5.87
C ARG B 288 -23.18 -33.52 6.85
N TYR B 289 -23.11 -32.28 7.25
CA TYR B 289 -24.14 -31.67 8.06
C TYR B 289 -25.45 -31.62 7.31
N GLY B 290 -25.44 -31.30 6.04
CA GLY B 290 -26.68 -31.23 5.32
C GLY B 290 -27.38 -32.55 5.27
N LEU B 291 -26.61 -33.59 5.09
CA LEU B 291 -27.16 -34.91 5.03
C LEU B 291 -27.80 -35.29 6.31
N LEU B 292 -27.17 -35.00 7.41
CA LEU B 292 -27.73 -35.31 8.70
C LEU B 292 -29.01 -34.55 8.93
N ILE B 293 -29.02 -33.32 8.47
CA ILE B 293 -30.20 -32.52 8.56
C ILE B 293 -31.30 -33.12 7.78
N LEU B 294 -31.02 -33.48 6.55
CA LEU B 294 -32.06 -33.99 5.68
C LEU B 294 -32.66 -35.24 6.23
N MET B 295 -31.87 -36.01 6.94
CA MET B 295 -32.35 -37.19 7.58
C MET B 295 -33.34 -36.89 8.67
N LYS B 296 -33.17 -35.80 9.36
CA LYS B 296 -34.12 -35.41 10.37
C LYS B 296 -35.47 -34.98 9.89
N TYR B 297 -35.51 -34.19 8.84
CA TYR B 297 -36.75 -33.80 8.20
C TYR B 297 -36.90 -34.56 6.92
N PRO B 298 -37.55 -35.68 7.01
CA PRO B 298 -37.72 -36.61 5.90
C PRO B 298 -38.58 -36.05 4.81
N GLU B 299 -39.56 -35.30 5.24
CA GLU B 299 -40.48 -34.74 4.34
C GLU B 299 -39.77 -33.81 3.42
N ILE B 300 -38.77 -33.13 3.91
CA ILE B 300 -38.01 -32.23 3.07
C ILE B 300 -37.30 -32.95 1.97
N GLU B 301 -36.76 -34.11 2.27
CA GLU B 301 -36.06 -34.87 1.28
C GLU B 301 -36.96 -35.27 0.15
N GLU B 302 -38.16 -35.74 0.47
CA GLU B 302 -39.08 -36.14 -0.56
C GLU B 302 -39.40 -34.97 -1.42
N LYS B 303 -39.57 -33.81 -0.84
CA LYS B 303 -39.89 -32.71 -1.70
C LYS B 303 -38.76 -32.55 -2.65
N LEU B 304 -37.55 -32.82 -2.21
CA LEU B 304 -36.43 -32.76 -3.12
C LEU B 304 -36.42 -33.82 -4.17
N HIS B 305 -36.62 -35.05 -3.75
CA HIS B 305 -36.54 -36.15 -4.66
C HIS B 305 -37.60 -35.86 -5.65
N GLU B 306 -38.67 -35.24 -5.20
CA GLU B 306 -39.77 -34.95 -6.07
C GLU B 306 -39.39 -33.99 -7.16
N GLU B 307 -38.69 -32.94 -6.83
CA GLU B 307 -38.19 -31.97 -7.80
C GLU B 307 -37.19 -32.51 -8.74
N ILE B 308 -36.27 -33.28 -8.24
CA ILE B 308 -35.22 -33.77 -9.09
C ILE B 308 -35.81 -34.65 -10.13
N ASP B 309 -36.70 -35.55 -9.75
CA ASP B 309 -37.26 -36.43 -10.71
C ASP B 309 -37.94 -35.58 -11.71
N ARG B 310 -38.76 -34.66 -11.25
CA ARG B 310 -39.52 -33.90 -12.20
C ARG B 310 -38.71 -33.02 -13.12
N VAL B 311 -37.88 -32.17 -12.56
CA VAL B 311 -36.98 -31.35 -13.34
C VAL B 311 -35.87 -32.06 -14.06
N ILE B 312 -35.22 -33.02 -13.44
CA ILE B 312 -34.05 -33.60 -14.07
C ILE B 312 -34.22 -35.00 -14.51
N GLY B 313 -35.07 -35.72 -13.82
CA GLY B 313 -35.31 -37.10 -14.16
C GLY B 313 -34.27 -37.96 -13.54
N PRO B 314 -34.37 -39.23 -13.80
CA PRO B 314 -33.48 -40.22 -13.26
C PRO B 314 -32.02 -40.20 -13.68
N SER B 315 -31.68 -39.86 -14.90
CA SER B 315 -30.31 -40.07 -15.26
C SER B 315 -29.44 -38.91 -15.61
N ARG B 316 -30.02 -37.81 -16.01
CA ARG B 316 -29.19 -36.73 -16.50
C ARG B 316 -28.38 -36.35 -15.33
N ILE B 317 -27.18 -35.84 -15.53
CA ILE B 317 -26.44 -35.34 -14.42
C ILE B 317 -26.96 -33.96 -14.21
N PRO B 318 -26.78 -33.41 -13.03
CA PRO B 318 -27.26 -32.07 -12.76
C PRO B 318 -26.42 -30.98 -13.38
N ALA B 319 -26.99 -29.91 -13.70
CA ALA B 319 -26.26 -28.75 -14.21
C ALA B 319 -26.90 -27.49 -13.70
N ILE B 320 -26.06 -26.48 -13.46
CA ILE B 320 -26.51 -25.23 -12.87
C ILE B 320 -27.80 -24.75 -13.53
N LYS B 321 -27.91 -24.99 -14.83
CA LYS B 321 -29.08 -24.62 -15.58
C LYS B 321 -30.34 -25.12 -14.87
N ASP B 322 -30.18 -25.69 -13.68
CA ASP B 322 -31.32 -26.20 -12.96
C ASP B 322 -31.61 -25.49 -11.68
N ARG B 323 -30.80 -24.55 -11.30
CA ARG B 323 -31.06 -23.90 -10.08
C ARG B 323 -32.27 -23.04 -10.24
N GLN B 324 -32.33 -22.28 -11.32
CA GLN B 324 -33.43 -21.38 -11.54
C GLN B 324 -34.72 -22.14 -11.70
N GLU B 325 -34.64 -23.27 -12.35
CA GLU B 325 -35.75 -24.18 -12.36
C GLU B 325 -36.08 -24.84 -11.05
N MET B 326 -35.09 -25.23 -10.26
CA MET B 326 -35.39 -25.91 -9.01
C MET B 326 -35.36 -24.96 -7.83
N PRO B 327 -36.51 -24.42 -7.47
CA PRO B 327 -36.62 -23.53 -6.32
C PRO B 327 -36.43 -24.17 -4.95
N TYR B 328 -36.95 -25.36 -4.71
CA TYR B 328 -36.76 -25.99 -3.42
C TYR B 328 -35.34 -26.36 -3.12
N MET B 329 -34.64 -26.99 -4.03
CA MET B 329 -33.28 -27.36 -3.74
C MET B 329 -32.46 -26.15 -3.50
N ASP B 330 -32.75 -25.10 -4.20
CA ASP B 330 -31.97 -23.91 -4.08
C ASP B 330 -32.05 -23.32 -2.70
N ALA B 331 -33.24 -23.32 -2.13
CA ALA B 331 -33.51 -22.90 -0.78
C ALA B 331 -32.90 -23.79 0.25
N VAL B 332 -32.95 -25.06 0.01
CA VAL B 332 -32.36 -25.97 0.93
C VAL B 332 -30.87 -25.75 0.96
N VAL B 333 -30.30 -25.54 -0.19
CA VAL B 333 -28.90 -25.44 -0.23
C VAL B 333 -28.52 -24.26 0.60
N HIS B 334 -29.22 -23.16 0.47
CA HIS B 334 -28.98 -22.01 1.31
C HIS B 334 -29.26 -22.20 2.75
N GLU B 335 -30.37 -22.80 3.08
CA GLU B 335 -30.77 -22.93 4.46
C GLU B 335 -29.76 -23.71 5.20
N ILE B 336 -29.16 -24.68 4.56
CA ILE B 336 -28.16 -25.46 5.23
C ILE B 336 -26.97 -24.62 5.62
N GLN B 337 -26.56 -23.75 4.73
CA GLN B 337 -25.52 -22.81 5.02
C GLN B 337 -25.92 -21.81 6.05
N ARG B 338 -27.13 -21.32 5.99
CA ARG B 338 -27.62 -20.39 6.96
C ARG B 338 -27.77 -20.99 8.30
N PHE B 339 -28.35 -22.17 8.36
CA PHE B 339 -28.62 -22.82 9.62
C PHE B 339 -27.42 -23.28 10.42
N ILE B 340 -26.45 -23.87 9.75
CA ILE B 340 -25.24 -24.35 10.40
C ILE B 340 -24.27 -23.33 10.92
N THR B 341 -24.15 -22.19 10.29
CA THR B 341 -23.20 -21.21 10.73
C THR B 341 -21.82 -21.76 10.95
N LEU B 342 -21.19 -22.28 9.91
CA LEU B 342 -20.00 -23.09 10.07
C LEU B 342 -18.83 -22.37 10.68
N VAL B 343 -18.57 -21.15 10.27
CA VAL B 343 -17.62 -20.31 10.95
C VAL B 343 -18.34 -19.10 11.49
N PRO B 344 -18.74 -19.21 12.73
CA PRO B 344 -19.56 -18.25 13.42
C PRO B 344 -19.00 -16.87 13.71
N SER B 345 -17.74 -16.78 14.09
CA SER B 345 -17.18 -15.53 14.48
C SER B 345 -16.45 -14.93 13.31
N ASN B 346 -16.66 -15.50 12.16
CA ASN B 346 -16.04 -15.02 10.98
C ASN B 346 -14.60 -15.42 11.11
N LEU B 347 -13.74 -14.83 10.31
CA LEU B 347 -12.31 -14.99 10.51
C LEU B 347 -11.85 -13.63 10.91
N PRO B 348 -10.84 -13.56 11.74
CA PRO B 348 -10.42 -12.36 12.39
C PRO B 348 -9.89 -11.28 11.48
N HIS B 349 -10.26 -10.05 11.77
CA HIS B 349 -9.76 -8.93 11.05
C HIS B 349 -8.98 -8.13 12.04
N GLU B 350 -8.07 -7.35 11.52
CA GLU B 350 -7.27 -6.44 12.29
C GLU B 350 -7.45 -5.11 11.62
N ALA B 351 -7.30 -4.03 12.37
CA ALA B 351 -7.50 -2.68 11.87
C ALA B 351 -6.20 -2.13 11.35
N THR B 352 -6.16 -1.97 10.04
CA THR B 352 -4.98 -1.55 9.32
C THR B 352 -4.54 -0.19 9.73
N ARG B 353 -5.49 0.70 9.94
CA ARG B 353 -5.17 2.05 10.28
C ARG B 353 -5.92 2.47 11.52
N ASP B 354 -5.36 3.38 12.29
CA ASP B 354 -6.07 3.89 13.44
C ASP B 354 -7.37 4.44 12.89
N THR B 355 -8.50 4.12 13.50
CA THR B 355 -9.71 4.63 12.91
C THR B 355 -10.92 4.80 13.79
N ILE B 356 -11.86 5.59 13.33
CA ILE B 356 -13.04 5.92 14.12
C ILE B 356 -14.22 5.23 13.51
N PHE B 357 -14.92 4.45 14.30
CA PHE B 357 -16.06 3.73 13.79
C PHE B 357 -17.27 4.07 14.59
N ARG B 358 -18.25 4.63 13.91
CA ARG B 358 -19.32 5.31 14.57
C ARG B 358 -18.58 6.32 15.38
N GLY B 359 -18.97 6.50 16.62
CA GLY B 359 -18.27 7.44 17.47
C GLY B 359 -16.85 7.09 17.84
N TYR B 360 -16.63 5.81 18.06
CA TYR B 360 -15.47 5.29 18.70
C TYR B 360 -14.26 5.21 17.85
N LEU B 361 -13.14 5.20 18.52
CA LEU B 361 -11.86 5.10 17.90
C LEU B 361 -11.38 3.69 18.07
N ILE B 362 -10.87 3.11 17.00
CA ILE B 362 -10.32 1.80 17.08
C ILE B 362 -8.88 1.85 16.69
N PRO B 363 -8.02 1.61 17.64
CA PRO B 363 -6.60 1.78 17.48
C PRO B 363 -6.00 0.87 16.49
N LYS B 364 -4.96 1.28 15.82
CA LYS B 364 -4.44 0.45 14.77
C LYS B 364 -4.03 -0.82 15.41
N GLY B 365 -4.17 -1.92 14.69
CA GLY B 365 -3.78 -3.21 15.18
C GLY B 365 -4.79 -3.94 16.01
N THR B 366 -5.92 -3.32 16.27
CA THR B 366 -6.99 -3.96 17.00
C THR B 366 -7.65 -5.01 16.18
N VAL B 367 -8.42 -5.84 16.84
CA VAL B 367 -9.00 -7.00 16.22
C VAL B 367 -10.46 -6.80 16.11
N VAL B 368 -10.94 -6.93 14.90
CA VAL B 368 -12.27 -6.55 14.56
C VAL B 368 -12.99 -7.81 14.23
N VAL B 369 -14.08 -8.10 14.92
CA VAL B 369 -14.79 -9.33 14.65
C VAL B 369 -16.16 -9.09 14.14
N PRO B 370 -16.41 -9.46 12.90
CA PRO B 370 -17.72 -9.32 12.35
C PRO B 370 -18.39 -10.65 12.37
N THR B 371 -19.26 -10.89 13.31
CA THR B 371 -19.78 -12.19 13.53
C THR B 371 -20.93 -12.48 12.62
N LEU B 372 -20.77 -13.43 11.74
CA LEU B 372 -21.84 -13.91 10.91
C LEU B 372 -22.98 -14.59 11.60
N ASP B 373 -22.71 -15.38 12.59
CA ASP B 373 -23.77 -16.17 13.12
C ASP B 373 -24.80 -15.19 13.56
N SER B 374 -24.38 -14.05 14.03
CA SER B 374 -25.31 -13.04 14.42
C SER B 374 -26.12 -12.58 13.25
N VAL B 375 -25.50 -12.49 12.09
CA VAL B 375 -26.22 -12.16 10.86
C VAL B 375 -27.15 -13.23 10.36
N LEU B 376 -26.68 -14.45 10.33
CA LEU B 376 -27.40 -15.60 9.86
C LEU B 376 -28.63 -15.95 10.67
N TYR B 377 -28.65 -15.60 11.93
CA TYR B 377 -29.80 -15.88 12.75
C TYR B 377 -30.72 -14.72 12.99
N ASP B 378 -30.63 -13.68 12.20
CA ASP B 378 -31.40 -12.50 12.44
C ASP B 378 -32.77 -13.02 12.50
N ASN B 379 -33.49 -12.68 13.53
CA ASN B 379 -34.79 -13.25 13.65
C ASN B 379 -35.88 -12.40 13.12
N GLN B 380 -35.58 -11.17 12.74
CA GLN B 380 -36.47 -10.42 11.88
C GLN B 380 -36.39 -10.82 10.43
N GLU B 381 -35.19 -11.07 9.94
CA GLU B 381 -35.01 -11.65 8.63
C GLU B 381 -35.41 -13.06 8.49
N PHE B 382 -35.16 -13.87 9.48
CA PHE B 382 -35.38 -15.28 9.35
C PHE B 382 -36.10 -15.70 10.58
N PRO B 383 -37.37 -15.39 10.60
CA PRO B 383 -38.21 -15.54 11.74
C PRO B 383 -38.12 -16.97 12.10
N ASP B 384 -38.17 -17.28 13.38
CA ASP B 384 -37.78 -18.57 13.88
C ASP B 384 -36.41 -18.98 13.45
N PRO B 385 -35.43 -18.17 13.77
CA PRO B 385 -34.09 -18.25 13.23
C PRO B 385 -33.45 -19.57 13.53
N GLU B 386 -33.82 -20.17 14.62
CA GLU B 386 -33.15 -21.32 15.14
C GLU B 386 -33.67 -22.62 14.59
N LYS B 387 -34.57 -22.55 13.63
CA LYS B 387 -35.18 -23.73 13.07
C LYS B 387 -34.80 -23.87 11.63
N PHE B 388 -34.75 -25.09 11.14
CA PHE B 388 -34.41 -25.31 9.78
C PHE B 388 -35.68 -25.25 9.02
N LYS B 389 -35.88 -24.16 8.32
CA LYS B 389 -37.01 -24.03 7.48
C LYS B 389 -36.54 -23.60 6.17
N PRO B 390 -36.79 -24.38 5.16
CA PRO B 390 -36.38 -24.03 3.82
C PRO B 390 -37.08 -22.78 3.37
N GLU B 391 -38.19 -22.47 3.97
CA GLU B 391 -39.00 -21.41 3.46
C GLU B 391 -38.48 -20.11 3.96
N HIS B 392 -37.33 -20.18 4.60
CA HIS B 392 -36.55 -19.03 4.97
C HIS B 392 -36.04 -18.42 3.74
N PHE B 393 -35.90 -19.22 2.71
CA PHE B 393 -35.42 -18.77 1.41
C PHE B 393 -36.43 -18.82 0.26
N LEU B 394 -37.68 -19.07 0.58
CA LEU B 394 -38.70 -19.19 -0.40
C LEU B 394 -39.61 -18.07 -0.09
N ASN B 395 -40.45 -17.70 -1.03
CA ASN B 395 -41.51 -16.74 -0.76
C ASN B 395 -42.81 -17.38 -1.07
N GLU B 396 -43.90 -16.62 -1.03
CA GLU B 396 -45.23 -17.21 -0.98
C GLU B 396 -45.68 -18.04 -2.13
N ASN B 397 -45.38 -17.66 -3.35
CA ASN B 397 -45.56 -18.56 -4.44
C ASN B 397 -44.16 -19.02 -4.58
N GLY B 398 -43.99 -20.32 -4.64
CA GLY B 398 -42.79 -20.99 -4.23
C GLY B 398 -41.48 -20.54 -4.80
N LYS B 399 -41.40 -19.31 -5.23
CA LYS B 399 -40.20 -18.83 -5.86
C LYS B 399 -39.11 -18.72 -4.84
N PHE B 400 -37.87 -18.70 -5.28
CA PHE B 400 -36.76 -18.47 -4.41
C PHE B 400 -36.73 -17.03 -4.00
N LYS B 401 -36.34 -16.71 -2.77
CA LYS B 401 -36.18 -15.32 -2.36
C LYS B 401 -34.83 -15.09 -1.74
N TYR B 402 -33.99 -14.26 -2.36
CA TYR B 402 -32.66 -13.91 -1.89
C TYR B 402 -32.64 -13.02 -0.67
N SER B 403 -31.61 -13.08 0.13
CA SER B 403 -31.54 -12.24 1.30
C SER B 403 -30.24 -11.54 1.39
N ASP B 404 -30.28 -10.30 1.81
CA ASP B 404 -29.09 -9.53 1.99
C ASP B 404 -28.30 -10.13 3.12
N TYR B 405 -28.97 -10.94 3.92
CA TYR B 405 -28.42 -11.49 5.13
C TYR B 405 -27.81 -12.80 4.92
N PHE B 406 -27.78 -13.25 3.70
CA PHE B 406 -27.09 -14.47 3.48
C PHE B 406 -25.65 -14.14 3.19
N LYS B 407 -24.85 -14.10 4.23
CA LYS B 407 -23.43 -13.86 4.13
C LYS B 407 -22.67 -14.83 4.98
N PRO B 408 -22.68 -16.10 4.65
CA PRO B 408 -21.85 -17.05 5.35
C PRO B 408 -20.45 -17.13 4.83
N PHE B 409 -20.19 -16.56 3.67
CA PHE B 409 -18.87 -16.52 3.12
C PHE B 409 -18.33 -15.18 3.43
N SER B 410 -19.12 -14.42 4.15
CA SER B 410 -18.77 -13.08 4.55
C SER B 410 -18.89 -12.14 3.42
N THR B 411 -18.21 -11.02 3.55
CA THR B 411 -18.30 -10.00 2.54
C THR B 411 -17.19 -9.01 2.56
N GLY B 412 -17.22 -8.12 1.57
CA GLY B 412 -16.18 -7.15 1.29
C GLY B 412 -14.78 -7.53 0.86
N LYS B 413 -13.83 -6.99 1.57
CA LYS B 413 -12.42 -7.09 1.26
C LYS B 413 -11.79 -8.47 1.33
N ARG B 414 -12.25 -9.28 2.28
CA ARG B 414 -11.72 -10.63 2.45
C ARG B 414 -12.80 -11.68 2.20
N VAL B 415 -13.62 -11.45 1.19
CA VAL B 415 -14.71 -12.37 0.84
C VAL B 415 -14.14 -13.72 0.38
N CYS B 416 -14.50 -14.77 1.12
CA CYS B 416 -14.04 -16.11 0.79
C CYS B 416 -13.61 -16.22 -0.67
N ALA B 417 -12.46 -16.82 -0.89
CA ALA B 417 -11.94 -16.98 -2.21
C ALA B 417 -12.77 -17.95 -3.00
N GLY B 418 -13.27 -18.96 -2.32
CA GLY B 418 -13.84 -20.10 -2.96
C GLY B 418 -15.32 -20.13 -3.00
N GLU B 419 -15.94 -18.99 -2.77
CA GLU B 419 -17.36 -18.96 -2.63
C GLU B 419 -18.05 -19.45 -3.86
N GLY B 420 -17.68 -18.95 -4.99
CA GLY B 420 -18.40 -19.35 -6.16
C GLY B 420 -18.26 -20.83 -6.39
N LEU B 421 -17.06 -21.35 -6.23
CA LEU B 421 -16.85 -22.77 -6.36
C LEU B 421 -17.58 -23.51 -5.30
N ALA B 422 -17.52 -23.05 -4.09
CA ALA B 422 -18.20 -23.76 -3.06
C ALA B 422 -19.67 -23.82 -3.31
N ARG B 423 -20.27 -22.74 -3.76
CA ARG B 423 -21.69 -22.74 -3.95
C ARG B 423 -22.17 -23.70 -4.98
N MET B 424 -21.37 -23.89 -6.00
CA MET B 424 -21.63 -24.85 -7.03
C MET B 424 -21.50 -26.28 -6.58
N GLU B 425 -20.54 -26.57 -5.72
CA GLU B 425 -20.37 -27.91 -5.28
C GLU B 425 -21.53 -28.38 -4.49
N LEU B 426 -22.02 -27.54 -3.60
CA LEU B 426 -23.06 -27.96 -2.72
C LEU B 426 -24.30 -28.30 -3.49
N PHE B 427 -24.71 -27.43 -4.38
CA PHE B 427 -25.89 -27.72 -5.17
C PHE B 427 -25.74 -28.89 -6.12
N LEU B 428 -24.69 -28.90 -6.91
CA LEU B 428 -24.48 -30.05 -7.75
C LEU B 428 -24.19 -31.32 -6.99
N LEU B 429 -23.34 -31.29 -5.99
CA LEU B 429 -23.09 -32.49 -5.24
C LEU B 429 -24.27 -33.01 -4.47
N LEU B 430 -25.03 -32.15 -3.85
CA LEU B 430 -26.23 -32.56 -3.18
C LEU B 430 -27.26 -33.07 -4.15
N CYS B 431 -27.31 -32.48 -5.31
CA CYS B 431 -28.24 -32.94 -6.31
C CYS B 431 -27.90 -34.32 -6.77
N ALA B 432 -26.65 -34.59 -6.99
CA ALA B 432 -26.28 -35.89 -7.46
C ALA B 432 -26.70 -36.90 -6.45
N ILE B 433 -26.39 -36.65 -5.20
CA ILE B 433 -26.58 -37.64 -4.19
C ILE B 433 -28.01 -38.03 -4.07
N LEU B 434 -28.89 -37.06 -4.01
CA LEU B 434 -30.31 -37.32 -3.91
C LEU B 434 -30.91 -37.90 -5.15
N GLN B 435 -30.26 -37.69 -6.28
CA GLN B 435 -30.75 -38.21 -7.54
C GLN B 435 -30.78 -39.70 -7.46
N HIS B 436 -29.77 -40.27 -6.85
CA HIS B 436 -29.59 -41.67 -6.91
C HIS B 436 -29.83 -42.45 -5.68
N PHE B 437 -29.82 -41.80 -4.53
CA PHE B 437 -29.97 -42.50 -3.29
C PHE B 437 -31.02 -41.85 -2.44
N ASN B 438 -31.65 -42.62 -1.58
CA ASN B 438 -32.47 -42.06 -0.54
C ASN B 438 -31.64 -42.27 0.67
N LEU B 439 -31.81 -41.43 1.69
CA LEU B 439 -30.95 -41.47 2.87
C LEU B 439 -31.63 -42.11 4.07
N LYS B 440 -30.93 -43.02 4.72
CA LYS B 440 -31.49 -43.75 5.84
C LYS B 440 -30.68 -43.63 7.11
N PRO B 441 -31.27 -43.17 8.18
CA PRO B 441 -30.56 -42.98 9.42
C PRO B 441 -30.73 -44.16 10.31
N LEU B 442 -29.89 -44.30 11.31
CA LEU B 442 -29.96 -45.44 12.18
C LEU B 442 -30.68 -45.10 13.43
N VAL B 443 -31.45 -44.05 13.45
CA VAL B 443 -32.19 -43.80 14.63
C VAL B 443 -33.36 -42.97 14.30
N ASP B 444 -34.38 -43.00 15.12
CA ASP B 444 -35.57 -42.36 14.70
C ASP B 444 -35.14 -40.95 14.41
N PRO B 445 -35.69 -40.41 13.35
CA PRO B 445 -35.37 -39.09 12.87
C PRO B 445 -35.76 -38.13 13.92
N LYS B 446 -36.71 -38.53 14.73
CA LYS B 446 -37.21 -37.63 15.73
C LYS B 446 -36.08 -37.32 16.63
N ASP B 447 -35.20 -38.29 16.81
CA ASP B 447 -34.16 -38.28 17.81
C ASP B 447 -32.85 -37.63 17.46
N ILE B 448 -32.71 -37.16 16.25
CA ILE B 448 -31.47 -36.59 15.80
C ILE B 448 -31.24 -35.23 16.39
N ASP B 449 -30.05 -34.99 16.92
CA ASP B 449 -29.70 -33.73 17.51
C ASP B 449 -28.78 -33.08 16.53
N LEU B 450 -29.17 -31.96 16.00
CA LEU B 450 -28.40 -31.30 14.99
C LEU B 450 -27.47 -30.37 15.67
N SER B 451 -27.47 -30.32 16.96
CA SER B 451 -26.62 -29.36 17.60
C SER B 451 -25.20 -29.75 17.37
N PRO B 452 -24.35 -28.78 17.06
CA PRO B 452 -22.97 -29.04 16.80
C PRO B 452 -22.25 -29.45 18.03
N ILE B 453 -21.36 -30.41 17.92
CA ILE B 453 -20.60 -30.85 19.06
C ILE B 453 -19.53 -29.90 19.60
N HIS B 454 -18.89 -29.17 18.73
CA HIS B 454 -17.92 -28.18 19.13
C HIS B 454 -18.16 -26.93 18.37
N ILE B 455 -18.02 -25.82 19.06
CA ILE B 455 -18.14 -24.51 18.50
C ILE B 455 -16.96 -23.68 18.84
N GLY B 456 -16.26 -23.19 17.82
CA GLY B 456 -15.16 -22.27 18.00
C GLY B 456 -14.89 -21.51 16.74
N PHE B 457 -13.88 -21.96 16.03
CA PHE B 457 -13.53 -21.60 14.68
C PHE B 457 -14.64 -22.05 13.77
N GLY B 458 -15.14 -23.24 14.04
CA GLY B 458 -16.09 -23.88 13.18
C GLY B 458 -17.21 -24.37 14.02
N CYS B 459 -18.19 -24.98 13.41
CA CYS B 459 -19.25 -25.61 14.14
C CYS B 459 -19.24 -26.99 13.70
N ILE B 460 -19.08 -27.92 14.61
CA ILE B 460 -18.88 -29.28 14.23
C ILE B 460 -20.07 -30.15 14.51
N PRO B 461 -20.49 -30.83 13.48
CA PRO B 461 -21.63 -31.71 13.48
C PRO B 461 -21.31 -32.91 14.21
N PRO B 462 -22.32 -33.49 14.78
CA PRO B 462 -22.22 -34.72 15.52
C PRO B 462 -21.81 -35.84 14.61
N ARG B 463 -21.12 -36.84 15.12
CA ARG B 463 -20.69 -37.93 14.30
C ARG B 463 -21.83 -38.85 14.06
N TYR B 464 -22.03 -39.31 12.84
CA TYR B 464 -23.14 -40.15 12.56
C TYR B 464 -22.83 -41.10 11.51
N LYS B 465 -23.64 -42.13 11.37
CA LYS B 465 -23.55 -43.09 10.29
C LYS B 465 -24.91 -43.20 9.64
N LEU B 466 -24.97 -43.59 8.38
CA LEU B 466 -26.22 -43.71 7.68
C LEU B 466 -26.11 -44.65 6.53
N CYS B 467 -27.24 -44.93 5.90
CA CYS B 467 -27.27 -45.76 4.73
C CYS B 467 -27.85 -44.96 3.62
N VAL B 468 -27.37 -45.23 2.42
CA VAL B 468 -27.95 -44.67 1.24
C VAL B 468 -28.45 -45.82 0.37
N ILE B 469 -29.72 -45.76 0.06
CA ILE B 469 -30.41 -46.84 -0.59
C ILE B 469 -30.66 -46.42 -2.00
N PRO B 470 -30.20 -47.20 -2.94
CA PRO B 470 -30.15 -46.80 -4.30
C PRO B 470 -31.53 -46.59 -4.84
N ARG B 471 -31.63 -45.71 -5.82
CA ARG B 471 -32.88 -45.43 -6.46
C ARG B 471 -32.87 -45.98 -7.86
N SER B 472 -31.96 -46.90 -8.13
CA SER B 472 -31.89 -47.52 -9.43
C SER B 472 -30.88 -48.64 -9.47
#